data_6TT1
#
_entry.id   6TT1
#
_cell.length_a   73.166
_cell.length_b   77.128
_cell.length_c   82.867
_cell.angle_alpha   88.934
_cell.angle_beta   64.533
_cell.angle_gamma   75.153
#
_symmetry.space_group_name_H-M   'P 1'
#
loop_
_entity.id
_entity.type
_entity.pdbx_description
1 polymer 'Angiotensin-converting enzyme'
2 branched beta-D-mannopyranose-(1-4)-2-acetamido-2-deoxy-beta-D-glucopyranose-(1-4)-[alpha-L-fucopyranose-(1-6)]2-acetamido-2-deoxy-beta-D-glucopyranose
3 branched alpha-L-fucopyranose-(1-6)-2-acetamido-2-deoxy-beta-D-glucopyranose
4 branched 2-acetamido-2-deoxy-beta-D-glucopyranose-(1-4)-2-acetamido-2-deoxy-beta-D-glucopyranose
5 non-polymer 2-acetamido-2-deoxy-beta-D-glucopyranose
6 non-polymer 'BORIC ACID'
7 non-polymer 'ZINC ION'
8 non-polymer '[3-[[(2S)-1-azanyl-1-oxidanylidene-propan-2-yl]amino]-2-methyl-3-oxidanylidene-propyl]-[(1R)-1-[[(2R)-2-azanyl-3-(1H-1,2,3,4-tetrazol-5-yl)propanoyl]amino]-2-phenyl-ethyl]phosphinic acid'
9 non-polymer 'CHLORIDE ION'
10 non-polymer 1,2-ETHANEDIOL
11 non-polymer DI(HYDROXYETHYL)ETHER
12 non-polymer 'TRIETHYLENE GLYCOL'
13 non-polymer 'TETRAETHYLENE GLYCOL'
14 water water
#
_entity_poly.entity_id   1
_entity_poly.type   'polypeptide(L)'
_entity_poly.pdbx_seq_one_letter_code
;LDPGLQPGQFSADEAGAQLFAQSYQSSAEQVLFQSVAASWAHDTNITAENARRQEEAALLSQEFAEAWGQKAKELYEPIW
QQFTDPQLRRIIGAVRTLGSANLPLAKRQQYNALLSQMSRIYSTAKVCLPQKTATCWSLDPDLTNILASSRSYAMLLFAW
EGWHNAAGIPLKPLYEDFTALSNEAYKQDGFTDTGAYWRSWYNSPTFEDDLEHLYQQLEPLYLNLHAFVRRALHRRYGDR
YINLRGPIPAHLLGDMWAQTWSNIYDMVVPFPDKPNLDVTSTMLQQGWQATHMFRVAEEFFTSLELSPMPPEFWEGSMLE
KPADGREVVCHASAWDFYNRKDFRIKQCTRVTMEQLVVVHHEMGHIQYFLQYKDLPVSLREGANPGFHEAIGDVLALSVS
TPEHLHKIGLLDRVTNDTESDINYLLKMALDKIAFLPFGYLVDQWRWGVFSGRTPPSRYNFDWWYLRTKYQGICPPVTRN
ETHFDAGAKFHVPNVTPYIRYFVSFVLQFQFHEALCKEAGYEGPLHQCDIYRSTKAGAKLRKVLRAGSSRPWQEVLKDMV
GLDALDAQPLLKYFQLVTQWLQEQNQQNGEVLGWPEYQWHPPLPDNYPEGIDLVTDEAEASKFVEEYDL
;
_entity_poly.pdbx_strand_id   A,B
#
# COMPACT_ATOMS: atom_id res chain seq x y z
N LEU A 1 0.57 42.89 -13.14
CA LEU A 1 -0.88 42.74 -13.44
C LEU A 1 -1.47 44.08 -13.91
N ASP A 2 -2.07 44.04 -15.08
CA ASP A 2 -2.77 45.19 -15.63
C ASP A 2 -3.67 45.83 -14.57
N PRO A 3 -3.67 47.17 -14.42
CA PRO A 3 -4.49 47.76 -13.36
C PRO A 3 -5.95 47.33 -13.37
N GLY A 4 -6.57 47.17 -14.54
CA GLY A 4 -7.97 46.78 -14.60
C GLY A 4 -8.24 45.41 -14.01
N LEU A 5 -7.23 44.54 -14.01
CA LEU A 5 -7.35 43.19 -13.45
C LEU A 5 -7.08 43.13 -11.96
N GLN A 6 -6.62 44.22 -11.37
CA GLN A 6 -6.21 44.18 -9.98
C GLN A 6 -7.40 44.41 -9.07
N PRO A 7 -7.42 43.81 -7.88
CA PRO A 7 -8.52 44.04 -6.95
C PRO A 7 -8.49 45.40 -6.29
N GLY A 8 -9.66 46.03 -6.22
CA GLY A 8 -9.87 47.21 -5.42
C GLY A 8 -10.04 46.84 -3.96
N GLN A 9 -10.75 47.71 -3.25
CA GLN A 9 -10.98 47.54 -1.84
C GLN A 9 -12.44 47.19 -1.62
N PHE A 10 -12.70 46.44 -0.56
CA PHE A 10 -14.02 45.91 -0.29
C PHE A 10 -14.14 45.83 1.22
N SER A 11 -15.37 45.98 1.71
CA SER A 11 -15.61 45.84 3.13
C SER A 11 -15.37 44.40 3.57
N ALA A 12 -14.99 44.23 4.85
CA ALA A 12 -14.59 42.92 5.39
C ALA A 12 -15.82 42.22 5.98
N ASP A 13 -16.63 41.68 5.07
CA ASP A 13 -17.93 41.13 5.44
C ASP A 13 -18.64 40.67 4.17
N GLU A 14 -19.82 40.05 4.33
CA GLU A 14 -20.38 39.28 3.24
C GLU A 14 -20.86 40.18 2.09
N ALA A 15 -21.37 41.38 2.39
CA ALA A 15 -21.81 42.24 1.30
C ALA A 15 -20.63 42.75 0.50
N GLY A 16 -19.46 42.86 1.16
CA GLY A 16 -18.22 43.15 0.43
C GLY A 16 -17.74 41.97 -0.39
N ALA A 17 -17.73 40.78 0.21
CA ALA A 17 -17.41 39.55 -0.52
C ALA A 17 -18.21 39.44 -1.82
N GLN A 18 -19.51 39.75 -1.77
CA GLN A 18 -20.34 39.62 -2.97
C GLN A 18 -19.91 40.60 -4.06
N LEU A 19 -19.58 41.83 -3.66
CA LEU A 19 -19.04 42.80 -4.61
C LEU A 19 -17.65 42.39 -5.06
N PHE A 20 -16.86 41.85 -4.14
CA PHE A 20 -15.59 41.21 -4.49
C PHE A 20 -15.77 40.18 -5.60
N ALA A 21 -16.68 39.24 -5.37
CA ALA A 21 -16.90 38.16 -6.32
C ALA A 21 -17.32 38.72 -7.69
N GLN A 22 -18.23 39.69 -7.72
CA GLN A 22 -18.63 40.26 -9.01
C GLN A 22 -17.43 40.90 -9.71
N SER A 23 -16.67 41.72 -8.97
CA SER A 23 -15.47 42.32 -9.56
C SER A 23 -14.50 41.25 -10.03
N TYR A 24 -14.29 40.23 -9.21
CA TYR A 24 -13.43 39.11 -9.56
C TYR A 24 -13.87 38.45 -10.87
N GLN A 25 -15.14 38.00 -10.92
CA GLN A 25 -15.65 37.31 -12.10
C GLN A 25 -15.48 38.18 -13.34
N SER A 26 -15.62 39.50 -13.18
CA SER A 26 -15.41 40.39 -14.31
C SER A 26 -14.00 40.24 -14.87
N SER A 27 -13.01 40.18 -13.99
CA SER A 27 -11.62 40.12 -14.45
C SER A 27 -11.16 38.70 -14.72
N ALA A 28 -11.65 37.73 -13.96
CA ALA A 28 -11.32 36.32 -14.20
C ALA A 28 -11.58 35.88 -15.65
N GLU A 29 -12.72 36.25 -16.24
CA GLU A 29 -13.04 35.75 -17.58
C GLU A 29 -11.97 36.16 -18.58
N GLN A 30 -11.43 37.37 -18.43
CA GLN A 30 -10.39 37.82 -19.37
C GLN A 30 -9.11 37.05 -19.12
N VAL A 31 -8.80 36.78 -17.86
CA VAL A 31 -7.59 36.04 -17.52
C VAL A 31 -7.72 34.56 -17.94
N LEU A 32 -8.86 33.95 -17.62
CA LEU A 32 -9.18 32.62 -18.17
C LEU A 32 -9.11 32.61 -19.69
N PHE A 33 -9.74 33.58 -20.34
CA PHE A 33 -9.76 33.52 -21.79
C PHE A 33 -8.34 33.50 -22.36
N GLN A 34 -7.44 34.36 -21.85
CA GLN A 34 -6.13 34.44 -22.50
C GLN A 34 -5.29 33.19 -22.23
N SER A 35 -5.47 32.56 -21.09
CA SER A 35 -4.69 31.35 -20.85
C SER A 35 -5.26 30.16 -21.63
N VAL A 36 -6.59 30.00 -21.66
CA VAL A 36 -7.19 28.96 -22.50
C VAL A 36 -6.77 29.16 -23.95
N ALA A 37 -6.89 30.40 -24.45
CA ALA A 37 -6.50 30.69 -25.82
C ALA A 37 -5.06 30.27 -26.10
N ALA A 38 -4.16 30.64 -25.20
CA ALA A 38 -2.75 30.33 -25.41
C ALA A 38 -2.51 28.83 -25.33
N SER A 39 -3.22 28.13 -24.42
CA SER A 39 -3.15 26.66 -24.41
C SER A 39 -3.69 26.08 -25.70
N TRP A 40 -4.79 26.66 -26.21
CA TRP A 40 -5.33 26.20 -27.49
C TRP A 40 -4.30 26.37 -28.59
N ALA A 41 -3.68 27.56 -28.66
CA ALA A 41 -2.71 27.82 -29.72
C ALA A 41 -1.57 26.84 -29.65
N HIS A 42 -1.16 26.47 -28.44
CA HIS A 42 -0.08 25.51 -28.30
C HIS A 42 -0.54 24.11 -28.67
N ASP A 43 -1.65 23.66 -28.10
CA ASP A 43 -2.01 22.24 -28.21
C ASP A 43 -2.44 21.86 -29.62
N THR A 44 -2.88 22.84 -30.44
CA THR A 44 -3.16 22.60 -31.85
C THR A 44 -1.98 22.95 -32.75
N ASN A 45 -0.84 23.34 -32.17
CA ASN A 45 0.33 23.73 -32.95
C ASN A 45 1.51 23.82 -32.00
N ILE A 46 2.17 22.68 -31.76
CA ILE A 46 3.17 22.57 -30.71
C ILE A 46 4.44 23.20 -31.27
N THR A 47 4.77 24.40 -30.80
CA THR A 47 5.97 25.12 -31.22
C THR A 47 6.61 25.73 -29.99
N ALA A 48 7.93 25.94 -30.06
CA ALA A 48 8.62 26.58 -28.94
C ALA A 48 8.01 27.95 -28.66
N GLU A 49 7.66 28.69 -29.70
CA GLU A 49 7.09 30.01 -29.53
C GLU A 49 5.75 29.93 -28.81
N ASN A 50 4.88 29.01 -29.24
CA ASN A 50 3.58 28.88 -28.59
C ASN A 50 3.73 28.39 -27.15
N ALA A 51 4.71 27.53 -26.87
CA ALA A 51 4.98 27.16 -25.49
C ALA A 51 5.40 28.38 -24.69
N ARG A 52 6.26 29.22 -25.27
CA ARG A 52 6.64 30.45 -24.60
C ARG A 52 5.41 31.30 -24.28
N ARG A 53 4.52 31.50 -25.28
CA ARG A 53 3.33 32.32 -25.04
C ARG A 53 2.45 31.72 -23.97
N GLN A 54 2.34 30.40 -23.95
CA GLN A 54 1.51 29.75 -22.94
C GLN A 54 2.10 29.94 -21.55
N GLU A 55 3.42 29.81 -21.42
CA GLU A 55 4.04 30.01 -20.11
C GLU A 55 3.81 31.43 -19.61
N GLU A 56 3.84 32.41 -20.52
CA GLU A 56 3.59 33.79 -20.10
C GLU A 56 2.16 33.96 -19.64
N ALA A 57 1.20 33.34 -20.36
CA ALA A 57 -0.19 33.39 -19.97
C ALA A 57 -0.38 32.75 -18.60
N ALA A 58 0.32 31.64 -18.35
CA ALA A 58 0.21 30.99 -17.06
C ALA A 58 0.79 31.87 -15.96
N LEU A 59 1.90 32.56 -16.23
CA LEU A 59 2.44 33.49 -15.24
C LEU A 59 1.44 34.58 -14.94
N LEU A 60 0.81 35.13 -15.98
CA LEU A 60 -0.23 36.13 -15.77
C LEU A 60 -1.34 35.59 -14.88
N SER A 61 -1.83 34.36 -15.19
N SER A 61 -1.82 34.36 -15.17
CA SER A 61 -2.86 33.76 -14.32
CA SER A 61 -2.86 33.78 -14.34
C SER A 61 -2.37 33.66 -12.89
C SER A 61 -2.38 33.63 -12.90
N GLN A 62 -1.11 33.32 -12.69
CA GLN A 62 -0.60 33.22 -11.32
C GLN A 62 -0.57 34.59 -10.64
N GLU A 63 -0.19 35.64 -11.37
CA GLU A 63 -0.22 36.99 -10.84
C GLU A 63 -1.64 37.36 -10.40
N PHE A 64 -2.60 37.12 -11.28
CA PHE A 64 -4.00 37.35 -10.96
C PHE A 64 -4.42 36.61 -9.70
N ALA A 65 -4.09 35.31 -9.62
CA ALA A 65 -4.55 34.51 -8.47
C ALA A 65 -3.91 34.96 -7.18
N GLU A 66 -2.65 35.40 -7.23
CA GLU A 66 -2.02 35.92 -6.02
C GLU A 66 -2.68 37.21 -5.56
N ALA A 67 -2.91 38.14 -6.48
CA ALA A 67 -3.49 39.42 -6.06
C ALA A 67 -4.85 39.21 -5.40
N TRP A 68 -5.77 38.55 -6.11
CA TRP A 68 -7.13 38.38 -5.60
C TRP A 68 -7.15 37.39 -4.47
N GLY A 69 -6.41 36.29 -4.62
CA GLY A 69 -6.16 35.39 -3.50
C GLY A 69 -5.73 36.10 -2.22
N GLN A 70 -4.71 36.96 -2.31
CA GLN A 70 -4.20 37.56 -1.08
C GLN A 70 -5.14 38.63 -0.54
N LYS A 71 -5.85 39.34 -1.41
CA LYS A 71 -6.89 40.26 -0.96
C LYS A 71 -8.01 39.49 -0.26
N ALA A 72 -8.48 38.40 -0.87
CA ALA A 72 -9.52 37.59 -0.23
C ALA A 72 -9.09 37.18 1.18
N LYS A 73 -7.84 36.75 1.35
CA LYS A 73 -7.36 36.38 2.67
C LYS A 73 -7.19 37.58 3.57
N GLU A 74 -6.85 38.74 3.01
CA GLU A 74 -6.71 39.95 3.83
C GLU A 74 -8.04 40.30 4.48
N LEU A 75 -9.12 40.30 3.70
CA LEU A 75 -10.41 40.72 4.23
C LEU A 75 -11.18 39.58 4.88
N TYR A 76 -11.31 38.45 4.18
CA TYR A 76 -12.33 37.46 4.47
C TYR A 76 -11.82 36.17 5.09
N GLU A 77 -10.50 35.98 5.24
CA GLU A 77 -9.96 34.69 5.68
C GLU A 77 -10.69 34.10 6.87
N PRO A 78 -10.89 34.82 7.96
CA PRO A 78 -11.41 34.17 9.16
C PRO A 78 -12.91 34.46 9.35
N ILE A 79 -13.65 34.59 8.25
CA ILE A 79 -15.09 34.85 8.32
C ILE A 79 -15.85 34.32 7.11
N TRP A 80 -15.14 33.84 6.08
CA TRP A 80 -15.84 33.44 4.85
C TRP A 80 -16.65 32.17 5.05
N GLN A 81 -16.26 31.33 6.01
CA GLN A 81 -16.92 30.05 6.20
C GLN A 81 -18.28 30.18 6.87
N GLN A 82 -18.57 31.34 7.47
CA GLN A 82 -19.84 31.61 8.13
C GLN A 82 -20.77 32.47 7.28
N PHE A 83 -20.40 32.80 6.05
CA PHE A 83 -21.29 33.53 5.15
C PHE A 83 -22.62 32.79 4.97
N THR A 84 -23.70 33.57 4.90
CA THR A 84 -25.06 33.04 4.70
C THR A 84 -25.25 32.49 3.28
N ASP A 85 -24.57 33.09 2.30
CA ASP A 85 -24.79 32.72 0.90
C ASP A 85 -23.89 31.55 0.59
N PRO A 86 -24.43 30.34 0.41
CA PRO A 86 -23.55 29.16 0.24
C PRO A 86 -22.75 29.21 -1.05
N GLN A 87 -23.31 29.76 -2.12
CA GLN A 87 -22.58 29.90 -3.37
C GLN A 87 -21.44 30.90 -3.22
N LEU A 88 -21.64 31.93 -2.41
CA LEU A 88 -20.57 32.90 -2.14
C LEU A 88 -19.45 32.27 -1.33
N ARG A 89 -19.76 31.37 -0.39
CA ARG A 89 -18.69 30.65 0.29
C ARG A 89 -17.90 29.81 -0.70
N ARG A 90 -18.60 29.08 -1.59
CA ARG A 90 -17.87 28.30 -2.58
C ARG A 90 -16.98 29.20 -3.42
N ILE A 91 -17.51 30.33 -3.86
CA ILE A 91 -16.71 31.24 -4.66
C ILE A 91 -15.49 31.71 -3.89
N ILE A 92 -15.69 32.06 -2.61
CA ILE A 92 -14.59 32.64 -1.83
C ILE A 92 -13.55 31.58 -1.51
N GLY A 93 -13.98 30.38 -1.14
CA GLY A 93 -13.02 29.32 -0.85
C GLY A 93 -12.13 29.03 -2.04
N ALA A 94 -12.68 29.13 -3.25
CA ALA A 94 -11.87 28.89 -4.44
C ALA A 94 -10.81 29.97 -4.63
N VAL A 95 -11.21 31.25 -4.61
CA VAL A 95 -10.28 32.36 -4.84
C VAL A 95 -9.16 32.35 -3.80
N ARG A 96 -9.49 31.97 -2.56
CA ARG A 96 -8.53 31.97 -1.45
C ARG A 96 -7.47 30.87 -1.55
N THR A 97 -7.64 29.88 -2.43
CA THR A 97 -6.66 28.80 -2.59
C THR A 97 -5.76 29.18 -3.75
N LEU A 98 -4.48 29.44 -3.45
CA LEU A 98 -3.58 30.02 -4.44
C LEU A 98 -2.89 28.98 -5.31
N GLY A 99 -2.64 27.79 -4.78
CA GLY A 99 -2.01 26.77 -5.61
C GLY A 99 -0.62 27.22 -6.01
N SER A 100 -0.27 26.97 -7.27
CA SER A 100 1.05 27.35 -7.79
C SER A 100 1.40 28.82 -7.60
N ALA A 101 0.40 29.69 -7.41
CA ALA A 101 0.66 31.11 -7.15
C ALA A 101 1.22 31.36 -5.75
N ASN A 102 1.26 30.33 -4.90
CA ASN A 102 1.99 30.45 -3.65
C ASN A 102 3.50 30.39 -3.87
N LEU A 103 3.95 29.92 -5.05
CA LEU A 103 5.38 29.81 -5.33
C LEU A 103 6.00 31.18 -5.62
N PRO A 104 7.26 31.42 -5.21
CA PRO A 104 7.93 32.63 -5.68
C PRO A 104 8.07 32.59 -7.19
N LEU A 105 8.27 33.78 -7.78
CA LEU A 105 8.31 33.91 -9.24
C LEU A 105 9.20 32.86 -9.88
N ALA A 106 10.46 32.77 -9.41
CA ALA A 106 11.40 31.85 -10.03
C ALA A 106 10.84 30.43 -10.07
N LYS A 107 10.20 30.01 -8.99
CA LYS A 107 9.64 28.67 -8.91
C LYS A 107 8.34 28.57 -9.70
N ARG A 108 7.56 29.66 -9.81
CA ARG A 108 6.46 29.67 -10.77
C ARG A 108 6.97 29.40 -12.18
N GLN A 109 8.07 30.07 -12.56
CA GLN A 109 8.62 29.86 -13.90
C GLN A 109 9.11 28.43 -14.07
N GLN A 110 9.76 27.87 -13.04
N GLN A 110 9.77 27.88 -13.05
CA GLN A 110 10.18 26.47 -13.11
CA GLN A 110 10.18 26.47 -13.08
C GLN A 110 8.96 25.56 -13.28
C GLN A 110 8.96 25.57 -13.28
N TYR A 111 7.91 25.82 -12.50
CA TYR A 111 6.71 24.97 -12.53
C TYR A 111 6.07 25.00 -13.91
N ASN A 112 5.86 26.20 -14.48
CA ASN A 112 5.20 26.31 -15.78
C ASN A 112 6.05 25.70 -16.89
N ALA A 113 7.37 25.87 -16.83
CA ALA A 113 8.23 25.23 -17.81
C ALA A 113 8.17 23.72 -17.70
N LEU A 114 8.07 23.20 -16.47
CA LEU A 114 7.97 21.76 -16.30
C LEU A 114 6.69 21.24 -16.94
N LEU A 115 5.57 21.91 -16.69
CA LEU A 115 4.32 21.48 -17.30
C LEU A 115 4.42 21.50 -18.82
N SER A 116 4.98 22.56 -19.38
CA SER A 116 5.08 22.70 -20.84
C SER A 116 5.93 21.59 -21.43
N GLN A 117 7.08 21.30 -20.80
CA GLN A 117 8.01 20.32 -21.33
C GLN A 117 7.48 18.90 -21.18
N MET A 118 6.81 18.60 -20.06
CA MET A 118 6.23 17.26 -19.91
C MET A 118 5.11 17.05 -20.93
N SER A 119 4.31 18.07 -21.17
CA SER A 119 3.26 17.96 -22.20
C SER A 119 3.87 17.75 -23.58
N ARG A 120 4.94 18.50 -23.91
CA ARG A 120 5.57 18.38 -25.21
C ARG A 120 6.18 17.01 -25.39
N ILE A 121 6.82 16.47 -24.36
CA ILE A 121 7.42 15.14 -24.47
C ILE A 121 6.34 14.09 -24.77
N TYR A 122 5.24 14.13 -24.03
CA TYR A 122 4.23 13.10 -24.25
C TYR A 122 3.63 13.20 -25.64
N SER A 123 3.30 14.41 -26.08
CA SER A 123 2.52 14.55 -27.29
C SER A 123 3.34 14.51 -28.58
N THR A 124 4.68 14.57 -28.48
CA THR A 124 5.56 14.48 -29.63
C THR A 124 6.46 13.24 -29.61
N ALA A 125 6.37 12.40 -28.59
CA ALA A 125 7.13 11.16 -28.58
C ALA A 125 6.75 10.29 -29.79
N LYS A 126 7.73 9.56 -30.30
CA LYS A 126 7.55 8.68 -31.45
C LYS A 126 8.29 7.38 -31.24
N VAL A 127 7.85 6.35 -31.94
CA VAL A 127 8.56 5.09 -32.00
C VAL A 127 9.08 4.95 -33.41
N CYS A 128 10.38 4.73 -33.54
CA CYS A 128 11.05 4.69 -34.83
C CYS A 128 11.44 3.27 -35.17
N LEU A 129 11.27 2.94 -36.44
CA LEU A 129 11.62 1.61 -36.95
C LEU A 129 13.13 1.55 -37.18
N PRO A 130 13.82 0.52 -36.68
CA PRO A 130 15.30 0.51 -36.68
C PRO A 130 15.95 0.53 -38.07
N CYS A 136 8.93 6.81 -38.64
CA CYS A 136 8.63 6.76 -37.20
C CYS A 136 7.14 6.94 -36.84
N TRP A 137 6.68 6.18 -35.87
CA TRP A 137 5.25 6.09 -35.55
C TRP A 137 4.86 7.01 -34.39
N SER A 138 3.74 7.72 -34.56
CA SER A 138 3.10 8.46 -33.48
C SER A 138 2.15 7.58 -32.68
N LEU A 139 1.80 8.06 -31.48
CA LEU A 139 0.85 7.32 -30.65
C LEU A 139 -0.53 7.27 -31.31
N ASP A 140 -1.06 8.42 -31.68
CA ASP A 140 -2.35 8.54 -32.35
C ASP A 140 -2.08 9.06 -33.76
N PRO A 141 -2.32 8.29 -34.83
CA PRO A 141 -3.02 7.02 -34.95
C PRO A 141 -2.16 5.74 -35.00
N ASP A 142 -0.85 5.88 -35.26
CA ASP A 142 -0.06 4.73 -35.67
C ASP A 142 -0.06 3.62 -34.62
N LEU A 143 0.44 3.92 -33.41
CA LEU A 143 0.58 2.89 -32.38
C LEU A 143 -0.79 2.43 -31.87
N THR A 144 -1.75 3.34 -31.80
CA THR A 144 -3.11 2.98 -31.38
C THR A 144 -3.71 1.94 -32.31
N ASN A 145 -3.59 2.14 -33.61
CA ASN A 145 -4.16 1.19 -34.55
C ASN A 145 -3.42 -0.16 -34.50
N ILE A 146 -2.10 -0.14 -34.26
CA ILE A 146 -1.40 -1.40 -34.05
C ILE A 146 -1.96 -2.11 -32.82
N LEU A 147 -2.04 -1.39 -31.68
CA LEU A 147 -2.54 -2.04 -30.48
C LEU A 147 -3.94 -2.59 -30.69
N ALA A 148 -4.77 -1.91 -31.50
CA ALA A 148 -6.16 -2.30 -31.66
C ALA A 148 -6.35 -3.46 -32.65
N SER A 149 -5.51 -3.58 -33.66
CA SER A 149 -5.81 -4.51 -34.74
C SER A 149 -4.74 -5.56 -35.00
N SER A 150 -3.47 -5.32 -34.69
CA SER A 150 -2.49 -6.40 -34.84
C SER A 150 -2.75 -7.53 -33.84
N ARG A 151 -2.54 -8.75 -34.31
CA ARG A 151 -2.61 -9.94 -33.48
C ARG A 151 -1.29 -10.69 -33.53
N SER A 152 -0.24 -9.98 -33.92
CA SER A 152 1.13 -10.49 -33.85
C SER A 152 1.72 -10.12 -32.50
N TYR A 153 1.92 -11.12 -31.66
CA TYR A 153 2.54 -10.90 -30.36
C TYR A 153 3.78 -9.98 -30.47
N ALA A 154 4.69 -10.27 -31.40
CA ALA A 154 5.95 -9.56 -31.44
C ALA A 154 5.76 -8.12 -31.91
N MET A 155 4.80 -7.90 -32.80
CA MET A 155 4.52 -6.55 -33.26
C MET A 155 3.88 -5.71 -32.17
N LEU A 156 2.88 -6.28 -31.49
CA LEU A 156 2.28 -5.61 -30.35
C LEU A 156 3.36 -5.26 -29.33
N LEU A 157 4.27 -6.20 -29.07
CA LEU A 157 5.33 -5.95 -28.10
C LEU A 157 6.20 -4.78 -28.54
N PHE A 158 6.51 -4.71 -29.83
CA PHE A 158 7.35 -3.61 -30.31
C PHE A 158 6.66 -2.27 -30.06
N ALA A 159 5.36 -2.19 -30.34
CA ALA A 159 4.66 -0.91 -30.16
C ALA A 159 4.54 -0.56 -28.68
N TRP A 160 4.18 -1.55 -27.85
CA TRP A 160 4.02 -1.31 -26.41
C TRP A 160 5.32 -0.89 -25.75
N GLU A 161 6.40 -1.61 -26.00
CA GLU A 161 7.68 -1.26 -25.42
C GLU A 161 8.20 0.08 -25.97
N GLY A 162 8.14 0.26 -27.28
CA GLY A 162 8.61 1.50 -27.85
C GLY A 162 7.89 2.69 -27.26
N TRP A 163 6.57 2.59 -27.11
CA TRP A 163 5.83 3.72 -26.59
C TRP A 163 6.20 3.98 -25.14
N HIS A 164 6.25 2.93 -24.32
CA HIS A 164 6.51 3.16 -22.90
C HIS A 164 7.92 3.69 -22.67
N ASN A 165 8.89 3.21 -23.45
CA ASN A 165 10.26 3.69 -23.31
C ASN A 165 10.40 5.13 -23.82
N ALA A 166 9.73 5.43 -24.93
CA ALA A 166 9.86 6.73 -25.58
C ALA A 166 9.25 7.85 -24.74
N ALA A 167 8.04 7.64 -24.22
CA ALA A 167 7.34 8.67 -23.47
C ALA A 167 7.82 8.73 -22.02
N GLY A 168 7.96 7.57 -21.36
CA GLY A 168 8.14 7.54 -19.93
C GLY A 168 9.53 7.89 -19.45
N ILE A 169 10.55 7.29 -20.10
CA ILE A 169 11.92 7.44 -19.61
C ILE A 169 12.31 8.91 -19.53
N PRO A 170 12.14 9.72 -20.57
CA PRO A 170 12.55 11.13 -20.47
C PRO A 170 11.69 11.94 -19.51
N LEU A 171 10.49 11.48 -19.16
CA LEU A 171 9.61 12.26 -18.29
C LEU A 171 10.02 12.17 -16.82
N LYS A 172 10.75 11.14 -16.40
CA LYS A 172 10.88 10.85 -14.98
C LYS A 172 11.56 11.97 -14.20
N PRO A 173 12.71 12.51 -14.62
CA PRO A 173 13.31 13.57 -13.81
C PRO A 173 12.41 14.79 -13.70
N LEU A 174 11.67 15.11 -14.77
CA LEU A 174 10.77 16.25 -14.73
C LEU A 174 9.59 16.00 -13.79
N TYR A 175 9.04 14.78 -13.81
CA TYR A 175 7.91 14.47 -12.94
C TYR A 175 8.30 14.57 -11.48
N GLU A 176 9.53 14.15 -11.14
N GLU A 176 9.53 14.15 -11.14
CA GLU A 176 10.02 14.30 -9.77
CA GLU A 176 9.99 14.30 -9.77
C GLU A 176 10.03 15.77 -9.34
C GLU A 176 10.02 15.77 -9.34
N ASP A 177 10.55 16.66 -10.21
CA ASP A 177 10.64 18.08 -9.84
C ASP A 177 9.26 18.70 -9.79
N PHE A 178 8.37 18.27 -10.68
CA PHE A 178 7.00 18.75 -10.68
C PHE A 178 6.33 18.42 -9.36
N THR A 179 6.54 17.20 -8.86
CA THR A 179 5.83 16.73 -7.67
C THR A 179 6.26 17.55 -6.46
N ALA A 180 7.55 17.80 -6.36
CA ALA A 180 8.07 18.62 -5.27
C ALA A 180 7.49 20.04 -5.29
N LEU A 181 7.50 20.68 -6.44
CA LEU A 181 7.01 22.05 -6.49
C LEU A 181 5.51 22.09 -6.25
N SER A 182 4.79 21.12 -6.80
CA SER A 182 3.34 21.09 -6.60
C SER A 182 3.00 20.97 -5.13
N ASN A 183 3.69 20.07 -4.43
CA ASN A 183 3.48 19.89 -3.01
C ASN A 183 3.84 21.15 -2.23
N GLU A 184 4.95 21.80 -2.60
CA GLU A 184 5.35 23.03 -1.91
C GLU A 184 4.26 24.09 -2.05
N ALA A 185 3.67 24.19 -3.24
CA ALA A 185 2.61 25.16 -3.51
C ALA A 185 1.35 24.88 -2.70
N TYR A 186 0.82 23.65 -2.71
CA TYR A 186 -0.43 23.40 -2.01
C TYR A 186 -0.25 23.24 -0.51
N LYS A 187 0.95 22.92 -0.04
CA LYS A 187 1.20 22.94 1.40
C LYS A 187 0.91 24.32 1.99
N GLN A 188 1.09 25.38 1.21
CA GLN A 188 0.82 26.74 1.71
C GLN A 188 -0.66 27.09 1.67
N ASP A 189 -1.48 26.29 1.02
CA ASP A 189 -2.93 26.44 1.11
C ASP A 189 -3.51 25.62 2.25
N GLY A 190 -2.66 24.92 3.00
CA GLY A 190 -3.06 24.11 4.13
C GLY A 190 -3.24 22.61 3.86
N PHE A 191 -2.96 22.13 2.66
CA PHE A 191 -3.09 20.71 2.39
C PHE A 191 -1.78 19.97 2.64
N THR A 192 -1.91 18.74 3.17
CA THR A 192 -0.71 17.96 3.49
C THR A 192 0.11 17.62 2.22
N ASP A 193 -0.54 17.50 1.07
CA ASP A 193 0.11 17.28 -0.21
C ASP A 193 -0.92 17.53 -1.30
N THR A 194 -0.44 17.51 -2.55
CA THR A 194 -1.30 17.84 -3.68
C THR A 194 -2.46 16.84 -3.80
N GLY A 195 -2.22 15.58 -3.46
CA GLY A 195 -3.29 14.58 -3.52
C GLY A 195 -4.45 14.88 -2.57
N ALA A 196 -4.13 15.31 -1.34
CA ALA A 196 -5.19 15.73 -0.43
C ALA A 196 -6.00 16.87 -1.03
N TYR A 197 -5.33 17.79 -1.72
CA TYR A 197 -6.07 18.84 -2.41
C TYR A 197 -6.96 18.26 -3.49
N TRP A 198 -6.44 17.36 -4.30
CA TRP A 198 -7.26 16.81 -5.38
C TRP A 198 -8.47 16.08 -4.80
N ARG A 199 -8.29 15.35 -3.70
CA ARG A 199 -9.40 14.59 -3.11
C ARG A 199 -10.43 15.50 -2.46
N SER A 200 -10.03 16.71 -2.02
CA SER A 200 -10.96 17.60 -1.35
C SER A 200 -12.10 18.05 -2.26
N TRP A 201 -11.95 17.92 -3.57
CA TRP A 201 -13.00 18.32 -4.49
C TRP A 201 -14.27 17.49 -4.35
N TYR A 202 -14.18 16.30 -3.75
CA TYR A 202 -15.37 15.45 -3.60
C TYR A 202 -16.08 15.75 -2.30
N ASN A 203 -15.46 16.59 -1.47
CA ASN A 203 -16.02 16.99 -0.19
C ASN A 203 -16.74 15.81 0.46
N SER A 204 -15.95 14.85 0.88
CA SER A 204 -16.41 13.65 1.56
C SER A 204 -15.25 13.17 2.44
N PRO A 205 -15.41 13.22 3.76
CA PRO A 205 -14.29 12.79 4.62
C PRO A 205 -13.95 11.33 4.45
N THR A 206 -14.87 10.54 3.91
CA THR A 206 -14.70 9.09 3.80
C THR A 206 -14.40 8.65 2.37
N PHE A 207 -13.93 9.58 1.53
CA PHE A 207 -13.79 9.34 0.10
C PHE A 207 -13.05 8.03 -0.19
N GLU A 208 -11.89 7.83 0.43
CA GLU A 208 -11.08 6.67 0.06
C GLU A 208 -11.75 5.37 0.50
N ASP A 209 -12.32 5.34 1.71
CA ASP A 209 -13.08 4.18 2.14
C ASP A 209 -14.31 3.93 1.25
N ASP A 210 -15.03 5.00 0.88
CA ASP A 210 -16.21 4.83 0.04
C ASP A 210 -15.83 4.20 -1.31
N LEU A 211 -14.70 4.64 -1.86
CA LEU A 211 -14.21 4.09 -3.12
C LEU A 211 -13.85 2.63 -2.97
N GLU A 212 -13.12 2.30 -1.90
CA GLU A 212 -12.76 0.90 -1.66
C GLU A 212 -14.00 0.01 -1.54
N HIS A 213 -15.10 0.54 -0.97
CA HIS A 213 -16.30 -0.25 -0.77
C HIS A 213 -17.03 -0.48 -2.09
N LEU A 214 -17.01 0.52 -2.98
CA LEU A 214 -17.52 0.33 -4.34
C LEU A 214 -16.70 -0.70 -5.07
N TYR A 215 -15.37 -0.56 -5.04
CA TYR A 215 -14.57 -1.51 -5.79
C TYR A 215 -14.81 -2.94 -5.29
N GLN A 216 -15.01 -3.14 -3.98
CA GLN A 216 -15.25 -4.51 -3.51
C GLN A 216 -16.49 -5.10 -4.15
N GLN A 217 -17.52 -4.28 -4.40
CA GLN A 217 -18.73 -4.79 -5.05
C GLN A 217 -18.49 -5.11 -6.52
N LEU A 218 -17.56 -4.40 -7.15
CA LEU A 218 -17.36 -4.50 -8.59
C LEU A 218 -16.35 -5.57 -8.97
N GLU A 219 -15.39 -5.85 -8.09
CA GLU A 219 -14.26 -6.69 -8.44
C GLU A 219 -14.66 -8.07 -8.97
N PRO A 220 -15.66 -8.75 -8.43
CA PRO A 220 -16.01 -10.07 -8.97
C PRO A 220 -16.37 -10.04 -10.44
N LEU A 221 -17.01 -8.97 -10.89
CA LEU A 221 -17.35 -8.84 -12.31
C LEU A 221 -16.08 -8.73 -13.14
N TYR A 222 -15.13 -7.93 -12.66
CA TYR A 222 -13.85 -7.82 -13.35
C TYR A 222 -13.11 -9.15 -13.36
N LEU A 223 -13.10 -9.86 -12.24
CA LEU A 223 -12.33 -11.09 -12.16
C LEU A 223 -12.87 -12.12 -13.15
N ASN A 224 -14.18 -12.17 -13.32
CA ASN A 224 -14.78 -13.13 -14.25
C ASN A 224 -14.58 -12.72 -15.71
N LEU A 225 -14.69 -11.41 -16.01
CA LEU A 225 -14.37 -10.96 -17.37
C LEU A 225 -12.93 -11.29 -17.70
N HIS A 226 -12.04 -11.00 -16.75
CA HIS A 226 -10.61 -11.23 -16.92
C HIS A 226 -10.31 -12.68 -17.24
N ALA A 227 -10.88 -13.60 -16.50
CA ALA A 227 -10.57 -15.02 -16.71
C ALA A 227 -11.12 -15.52 -18.04
N PHE A 228 -12.29 -15.01 -18.41
CA PHE A 228 -12.93 -15.38 -19.68
C PHE A 228 -12.11 -14.88 -20.85
N VAL A 229 -11.63 -13.64 -20.78
CA VAL A 229 -10.80 -13.08 -21.85
C VAL A 229 -9.46 -13.77 -21.88
N ARG A 230 -8.86 -14.05 -20.72
CA ARG A 230 -7.58 -14.74 -20.70
C ARG A 230 -7.68 -16.09 -21.43
N ARG A 231 -8.76 -16.83 -21.20
CA ARG A 231 -9.00 -18.07 -21.94
C ARG A 231 -9.02 -17.86 -23.45
N ALA A 232 -9.76 -16.84 -23.93
CA ALA A 232 -9.77 -16.54 -25.36
C ALA A 232 -8.38 -16.22 -25.86
N LEU A 233 -7.61 -15.44 -25.10
CA LEU A 233 -6.26 -15.12 -25.52
C LEU A 233 -5.40 -16.36 -25.59
N HIS A 234 -5.60 -17.29 -24.66
CA HIS A 234 -4.78 -18.50 -24.62
C HIS A 234 -5.03 -19.34 -25.87
N ARG A 235 -6.29 -19.40 -26.31
CA ARG A 235 -6.63 -20.13 -27.55
C ARG A 235 -5.87 -19.58 -28.74
N ARG A 236 -5.61 -18.27 -28.77
CA ARG A 236 -4.98 -17.64 -29.93
C ARG A 236 -3.47 -17.56 -29.82
N TYR A 237 -2.93 -17.23 -28.65
CA TYR A 237 -1.49 -17.04 -28.55
C TYR A 237 -0.79 -18.26 -27.98
N GLY A 238 -1.50 -19.16 -27.33
CA GLY A 238 -0.90 -20.39 -26.89
C GLY A 238 -0.32 -20.33 -25.48
N ASP A 239 0.00 -21.52 -24.98
CA ASP A 239 0.36 -21.66 -23.57
C ASP A 239 1.68 -21.01 -23.21
N ARG A 240 2.52 -20.72 -24.19
CA ARG A 240 3.82 -20.10 -23.93
C ARG A 240 3.68 -18.62 -23.63
N TYR A 241 2.72 -17.93 -24.25
CA TYR A 241 2.53 -16.51 -24.06
C TYR A 241 1.38 -16.16 -23.12
N ILE A 242 0.48 -17.10 -22.84
CA ILE A 242 -0.63 -16.89 -21.90
C ILE A 242 -0.53 -17.93 -20.80
N ASN A 243 -0.60 -17.46 -19.55
CA ASN A 243 -0.62 -18.30 -18.35
C ASN A 243 -2.04 -18.24 -17.79
N LEU A 244 -2.75 -19.37 -17.83
CA LEU A 244 -4.12 -19.41 -17.36
C LEU A 244 -4.27 -19.20 -15.87
N ARG A 245 -3.18 -19.13 -15.11
CA ARG A 245 -3.28 -18.80 -13.70
C ARG A 245 -2.43 -17.60 -13.34
N GLY A 246 -2.05 -16.81 -14.36
CA GLY A 246 -1.12 -15.71 -14.21
C GLY A 246 -1.67 -14.44 -14.84
N PRO A 247 -0.99 -13.32 -14.66
CA PRO A 247 -1.49 -12.07 -15.24
C PRO A 247 -1.41 -12.09 -16.76
N ILE A 248 -2.30 -11.32 -17.38
CA ILE A 248 -2.32 -11.20 -18.84
C ILE A 248 -1.21 -10.25 -19.27
N PRO A 249 -0.40 -10.61 -20.26
CA PRO A 249 0.56 -9.63 -20.80
C PRO A 249 -0.14 -8.36 -21.26
N ALA A 250 0.46 -7.21 -20.92
CA ALA A 250 -0.28 -5.95 -20.90
C ALA A 250 -0.52 -5.35 -22.29
N HIS A 251 0.09 -5.91 -23.33
CA HIS A 251 -0.03 -5.40 -24.69
C HIS A 251 -1.03 -6.18 -25.56
N LEU A 252 -1.80 -7.13 -24.98
CA LEU A 252 -2.66 -8.04 -25.75
C LEU A 252 -4.15 -7.72 -25.65
N LEU A 253 -4.54 -6.61 -25.04
CA LEU A 253 -5.95 -6.35 -24.76
C LEU A 253 -6.55 -5.28 -25.65
N GLY A 254 -5.85 -4.88 -26.71
CA GLY A 254 -6.41 -4.00 -27.73
C GLY A 254 -6.14 -2.55 -27.54
N ASP A 255 -5.51 -2.17 -26.41
CA ASP A 255 -5.36 -0.80 -26.00
C ASP A 255 -3.98 -0.63 -25.36
N MET A 256 -3.36 0.52 -25.59
CA MET A 256 -1.99 0.73 -25.10
C MET A 256 -1.89 0.59 -23.56
N TRP A 257 -2.94 0.97 -22.84
CA TRP A 257 -2.97 0.90 -21.38
C TRP A 257 -3.76 -0.29 -20.86
N ALA A 258 -4.21 -1.16 -21.74
CA ALA A 258 -5.14 -2.24 -21.38
C ALA A 258 -6.31 -1.74 -20.55
N GLN A 259 -6.79 -0.53 -20.84
CA GLN A 259 -7.82 0.08 -20.01
C GLN A 259 -9.21 -0.09 -20.56
N THR A 260 -9.31 -0.40 -21.84
CA THR A 260 -10.55 -0.81 -22.49
C THR A 260 -10.20 -1.94 -23.42
N TRP A 261 -11.03 -2.98 -23.42
CA TRP A 261 -10.76 -4.18 -24.17
C TRP A 261 -11.70 -4.33 -25.37
N SER A 262 -12.41 -3.26 -25.74
CA SER A 262 -13.35 -3.29 -26.84
C SER A 262 -12.77 -3.92 -28.09
N ASN A 263 -11.49 -3.65 -28.37
CA ASN A 263 -10.90 -4.04 -29.66
C ASN A 263 -10.66 -5.55 -29.81
N ILE A 264 -10.72 -6.34 -28.75
CA ILE A 264 -10.62 -7.79 -28.92
C ILE A 264 -12.00 -8.44 -28.84
N TYR A 265 -13.06 -7.66 -29.00
CA TYR A 265 -14.39 -8.26 -29.05
C TYR A 265 -14.41 -9.39 -30.07
N ASP A 266 -13.74 -9.19 -31.22
CA ASP A 266 -13.59 -10.20 -32.27
C ASP A 266 -13.35 -11.59 -31.72
N MET A 267 -12.43 -11.68 -30.76
CA MET A 267 -11.93 -12.98 -30.30
C MET A 267 -12.75 -13.57 -29.17
N VAL A 268 -13.64 -12.82 -28.55
CA VAL A 268 -14.39 -13.31 -27.39
C VAL A 268 -15.90 -13.38 -27.62
N VAL A 269 -16.40 -12.85 -28.73
CA VAL A 269 -17.84 -12.77 -28.99
C VAL A 269 -18.49 -14.15 -28.80
N PRO A 270 -19.44 -14.29 -27.87
CA PRO A 270 -19.99 -15.62 -27.60
C PRO A 270 -20.89 -16.19 -28.69
N PHE A 271 -21.67 -15.36 -29.39
CA PHE A 271 -22.68 -15.87 -30.33
C PHE A 271 -22.48 -15.19 -31.68
N PRO A 272 -21.47 -15.64 -32.42
CA PRO A 272 -21.09 -14.95 -33.66
C PRO A 272 -22.15 -14.99 -34.75
N ASP A 273 -23.19 -15.82 -34.61
CA ASP A 273 -24.26 -15.89 -35.60
C ASP A 273 -25.30 -14.80 -35.44
N LYS A 274 -25.23 -14.02 -34.36
CA LYS A 274 -26.15 -12.92 -34.10
C LYS A 274 -25.61 -11.66 -34.77
N PRO A 275 -26.39 -10.56 -34.80
CA PRO A 275 -25.93 -9.37 -35.51
C PRO A 275 -24.52 -8.95 -35.10
N ASN A 276 -23.74 -8.46 -36.06
CA ASN A 276 -22.36 -8.13 -35.82
C ASN A 276 -22.29 -6.73 -35.21
N LEU A 277 -21.98 -6.67 -33.92
CA LEU A 277 -22.02 -5.39 -33.22
C LEU A 277 -20.80 -4.52 -33.45
N ASP A 278 -19.74 -5.04 -34.09
CA ASP A 278 -18.62 -4.17 -34.46
C ASP A 278 -18.98 -3.44 -35.74
N VAL A 279 -19.65 -2.31 -35.58
CA VAL A 279 -20.18 -1.58 -36.72
C VAL A 279 -19.14 -0.64 -37.34
N THR A 280 -17.89 -0.67 -36.85
CA THR A 280 -16.85 0.14 -37.48
C THR A 280 -16.77 -0.10 -38.99
N SER A 281 -16.85 -1.35 -39.43
CA SER A 281 -16.72 -1.61 -40.87
C SER A 281 -17.89 -1.02 -41.64
N THR A 282 -19.09 -1.08 -41.08
CA THR A 282 -20.24 -0.43 -41.69
C THR A 282 -20.02 1.07 -41.80
N MET A 283 -19.43 1.70 -40.76
CA MET A 283 -19.13 3.12 -40.85
C MET A 283 -18.18 3.42 -42.03
N LEU A 284 -17.16 2.59 -42.21
CA LEU A 284 -16.21 2.83 -43.29
C LEU A 284 -16.83 2.53 -44.64
N GLN A 285 -17.59 1.44 -44.71
CA GLN A 285 -18.31 1.12 -45.94
C GLN A 285 -19.26 2.24 -46.34
N GLN A 286 -19.85 2.95 -45.37
CA GLN A 286 -20.76 4.04 -45.66
C GLN A 286 -20.08 5.39 -45.84
N GLY A 287 -18.77 5.48 -45.67
CA GLY A 287 -18.08 6.76 -45.84
C GLY A 287 -18.23 7.73 -44.70
N TRP A 288 -18.38 7.26 -43.48
CA TRP A 288 -18.45 8.17 -42.34
C TRP A 288 -17.11 8.89 -42.23
N GLN A 289 -17.18 10.16 -41.84
CA GLN A 289 -16.01 10.98 -41.57
C GLN A 289 -16.22 11.67 -40.22
N ALA A 290 -15.18 12.35 -39.73
CA ALA A 290 -15.27 13.02 -38.44
C ALA A 290 -16.50 13.90 -38.32
N THR A 291 -16.76 14.77 -39.31
CA THR A 291 -17.85 15.73 -39.12
C THR A 291 -19.21 15.04 -39.00
N HIS A 292 -19.44 13.99 -39.78
CA HIS A 292 -20.67 13.20 -39.62
C HIS A 292 -20.81 12.73 -38.18
N MET A 293 -19.71 12.18 -37.61
CA MET A 293 -19.76 11.67 -36.25
C MET A 293 -20.20 12.74 -35.27
N PHE A 294 -19.63 13.96 -35.40
CA PHE A 294 -20.02 15.04 -34.50
C PHE A 294 -21.45 15.52 -34.76
N ARG A 295 -21.91 15.48 -36.00
CA ARG A 295 -23.29 15.87 -36.29
C ARG A 295 -24.30 14.83 -35.79
N VAL A 296 -23.92 13.56 -35.84
CA VAL A 296 -24.82 12.55 -35.30
C VAL A 296 -24.91 12.65 -33.77
N ALA A 297 -23.78 12.94 -33.13
CA ALA A 297 -23.80 13.14 -31.68
C ALA A 297 -24.67 14.34 -31.32
N GLU A 298 -24.44 15.48 -31.99
CA GLU A 298 -25.24 16.67 -31.74
C GLU A 298 -26.72 16.40 -31.83
N GLU A 299 -27.15 15.68 -32.87
CA GLU A 299 -28.57 15.46 -33.05
C GLU A 299 -29.17 14.63 -31.92
N PHE A 300 -28.41 13.71 -31.31
CA PHE A 300 -28.90 13.07 -30.09
C PHE A 300 -29.21 14.10 -29.00
N PHE A 301 -28.29 15.05 -28.78
CA PHE A 301 -28.51 16.09 -27.78
C PHE A 301 -29.76 16.91 -28.12
N THR A 302 -29.91 17.33 -29.38
CA THR A 302 -31.07 18.15 -29.72
C THR A 302 -32.35 17.32 -29.70
N SER A 303 -32.24 16.01 -29.91
CA SER A 303 -33.42 15.14 -29.77
C SER A 303 -34.01 15.23 -28.37
N LEU A 304 -33.17 15.45 -27.37
CA LEU A 304 -33.58 15.65 -25.99
C LEU A 304 -33.94 17.11 -25.70
N GLU A 305 -33.93 17.96 -26.73
CA GLU A 305 -34.10 19.41 -26.54
C GLU A 305 -33.02 19.99 -25.64
N LEU A 306 -31.82 19.44 -25.74
CA LEU A 306 -30.62 20.12 -25.28
C LEU A 306 -30.07 20.98 -26.43
N SER A 307 -28.96 21.70 -26.18
CA SER A 307 -28.57 22.71 -27.13
C SER A 307 -27.73 22.13 -28.25
N PRO A 308 -27.89 22.66 -29.46
CA PRO A 308 -26.96 22.33 -30.54
C PRO A 308 -25.59 22.95 -30.27
N MET A 309 -24.61 22.49 -31.01
CA MET A 309 -23.30 23.14 -30.93
C MET A 309 -23.37 24.50 -31.63
N PRO A 310 -22.90 25.58 -31.01
CA PRO A 310 -22.98 26.92 -31.64
C PRO A 310 -22.04 27.05 -32.83
N PRO A 311 -22.26 28.06 -33.68
CA PRO A 311 -21.37 28.21 -34.84
C PRO A 311 -19.91 28.33 -34.48
N GLU A 312 -19.63 28.97 -33.34
CA GLU A 312 -18.25 29.13 -32.89
C GLU A 312 -17.56 27.79 -32.63
N PHE A 313 -18.34 26.79 -32.18
CA PHE A 313 -17.81 25.43 -32.05
C PHE A 313 -17.38 24.88 -33.40
N TRP A 314 -18.27 24.96 -34.40
CA TRP A 314 -17.93 24.39 -35.70
C TRP A 314 -16.76 25.14 -36.34
N GLU A 315 -16.72 26.46 -36.17
CA GLU A 315 -15.66 27.21 -36.84
C GLU A 315 -14.31 27.02 -36.16
N GLY A 316 -14.31 26.80 -34.84
CA GLY A 316 -13.05 26.78 -34.11
C GLY A 316 -12.47 25.42 -33.79
N SER A 317 -13.30 24.38 -33.78
CA SER A 317 -12.88 23.08 -33.28
C SER A 317 -11.88 22.43 -34.22
N MET A 318 -11.06 21.56 -33.65
CA MET A 318 -10.13 20.71 -34.38
C MET A 318 -10.66 19.29 -34.30
N LEU A 319 -11.32 18.82 -35.38
CA LEU A 319 -12.02 17.55 -35.33
C LEU A 319 -11.26 16.40 -36.01
N GLU A 320 -10.14 16.70 -36.68
CA GLU A 320 -9.30 15.69 -37.31
C GLU A 320 -7.85 16.06 -37.04
N LYS A 321 -6.99 15.07 -37.03
CA LYS A 321 -5.57 15.34 -36.90
C LYS A 321 -5.10 16.11 -38.13
N PRO A 322 -4.47 17.28 -37.97
CA PRO A 322 -3.99 18.03 -39.14
C PRO A 322 -3.04 17.20 -39.99
N ALA A 323 -3.22 17.29 -41.30
CA ALA A 323 -2.32 16.62 -42.23
C ALA A 323 -1.29 17.58 -42.82
N ASP A 324 -1.23 18.81 -42.31
CA ASP A 324 -0.34 19.83 -42.86
C ASP A 324 0.98 19.89 -42.12
N GLY A 325 1.49 18.76 -41.67
CA GLY A 325 2.72 18.76 -40.89
C GLY A 325 2.66 19.70 -39.69
N ARG A 326 1.79 19.40 -38.74
CA ARG A 326 1.64 20.18 -37.52
C ARG A 326 1.65 19.22 -36.34
N GLU A 327 2.51 19.44 -35.37
CA GLU A 327 2.44 18.69 -34.14
C GLU A 327 1.29 19.23 -33.30
N VAL A 328 0.45 18.32 -32.81
CA VAL A 328 -0.68 18.68 -31.96
C VAL A 328 -0.68 17.71 -30.78
N VAL A 329 -1.37 18.11 -29.73
CA VAL A 329 -1.76 17.17 -28.68
C VAL A 329 -2.98 16.42 -29.21
N CYS A 330 -2.86 15.12 -29.43
CA CYS A 330 -3.99 14.40 -30.01
C CYS A 330 -5.01 13.94 -28.98
N HIS A 331 -4.62 13.85 -27.71
CA HIS A 331 -5.54 13.35 -26.71
C HIS A 331 -6.79 14.24 -26.67
N ALA A 332 -7.95 13.60 -26.76
CA ALA A 332 -9.20 14.33 -26.90
C ALA A 332 -9.44 15.29 -25.71
N SER A 333 -10.02 16.44 -26.00
CA SER A 333 -10.39 17.35 -24.94
C SER A 333 -11.51 18.26 -25.41
N ALA A 334 -12.24 18.76 -24.43
CA ALA A 334 -13.31 19.74 -24.56
C ALA A 334 -12.91 21.02 -23.85
N TRP A 335 -13.13 22.16 -24.51
CA TRP A 335 -12.58 23.45 -24.10
C TRP A 335 -13.67 24.50 -23.89
N ASP A 336 -13.65 25.11 -22.71
CA ASP A 336 -14.46 26.27 -22.35
C ASP A 336 -13.52 27.47 -22.28
N PHE A 337 -13.68 28.46 -23.18
CA PHE A 337 -12.82 29.64 -23.20
C PHE A 337 -13.24 30.69 -22.19
N TYR A 338 -14.33 30.46 -21.46
CA TYR A 338 -14.76 31.30 -20.34
C TYR A 338 -15.21 32.70 -20.78
N ASN A 339 -15.53 32.89 -22.06
CA ASN A 339 -16.16 34.11 -22.55
C ASN A 339 -17.62 33.89 -22.94
N ARG A 340 -18.21 32.77 -22.53
CA ARG A 340 -19.62 32.44 -22.80
C ARG A 340 -19.94 32.31 -24.29
N LYS A 341 -18.94 32.16 -25.17
CA LYS A 341 -19.18 32.15 -26.61
C LYS A 341 -18.37 31.08 -27.31
N ASP A 342 -17.11 30.94 -26.93
CA ASP A 342 -16.21 30.02 -27.58
C ASP A 342 -16.11 28.74 -26.78
N PHE A 343 -16.46 27.64 -27.44
CA PHE A 343 -16.41 26.30 -26.86
C PHE A 343 -15.95 25.41 -28.01
N ARG A 344 -14.94 24.57 -27.76
CA ARG A 344 -14.37 23.78 -28.84
C ARG A 344 -14.03 22.38 -28.36
N ILE A 345 -13.95 21.46 -29.32
CA ILE A 345 -13.35 20.16 -29.10
C ILE A 345 -12.11 20.09 -29.94
N LYS A 346 -11.10 19.38 -29.42
CA LYS A 346 -9.87 19.07 -30.14
C LYS A 346 -9.69 17.56 -30.06
N GLN A 347 -10.04 16.85 -31.14
CA GLN A 347 -9.94 15.40 -31.18
C GLN A 347 -9.29 14.97 -32.49
N CYS A 348 -8.32 14.05 -32.41
CA CYS A 348 -7.72 13.46 -33.59
C CYS A 348 -8.60 12.28 -34.04
N THR A 349 -9.84 12.64 -34.39
CA THR A 349 -10.91 11.66 -34.59
C THR A 349 -10.57 10.65 -35.67
N ARG A 350 -10.82 9.37 -35.37
CA ARG A 350 -10.71 8.27 -36.29
C ARG A 350 -12.09 7.62 -36.44
N VAL A 351 -12.34 7.02 -37.61
CA VAL A 351 -13.70 6.55 -37.95
C VAL A 351 -13.82 5.13 -37.40
N THR A 352 -14.26 5.06 -36.14
CA THR A 352 -14.53 3.81 -35.44
C THR A 352 -15.72 4.04 -34.50
N MET A 353 -16.36 2.93 -34.13
CA MET A 353 -17.47 2.99 -33.18
C MET A 353 -17.00 3.52 -31.82
N GLU A 354 -15.86 3.03 -31.34
CA GLU A 354 -15.27 3.52 -30.09
C GLU A 354 -15.02 5.03 -30.12
N GLN A 355 -14.50 5.54 -31.24
CA GLN A 355 -14.32 6.98 -31.40
C GLN A 355 -15.64 7.73 -31.44
N LEU A 356 -16.70 7.10 -31.93
CA LEU A 356 -18.00 7.75 -31.92
C LEU A 356 -18.49 7.93 -30.49
N VAL A 357 -18.20 6.95 -29.63
CA VAL A 357 -18.50 7.10 -28.22
C VAL A 357 -17.64 8.22 -27.61
N VAL A 358 -16.35 8.27 -27.93
CA VAL A 358 -15.51 9.38 -27.44
C VAL A 358 -16.09 10.73 -27.90
N VAL A 359 -16.52 10.82 -29.15
CA VAL A 359 -17.15 12.07 -29.61
C VAL A 359 -18.30 12.45 -28.70
N HIS A 360 -19.15 11.48 -28.32
CA HIS A 360 -20.24 11.80 -27.39
C HIS A 360 -19.71 12.25 -26.03
N HIS A 361 -18.71 11.54 -25.50
CA HIS A 361 -18.07 11.93 -24.26
C HIS A 361 -17.58 13.39 -24.28
N GLU A 362 -16.86 13.77 -25.32
CA GLU A 362 -16.40 15.16 -25.43
C GLU A 362 -17.57 16.12 -25.60
N MET A 363 -18.57 15.76 -26.41
CA MET A 363 -19.70 16.67 -26.56
C MET A 363 -20.50 16.82 -25.26
N GLY A 364 -20.47 15.81 -24.38
CA GLY A 364 -21.11 15.95 -23.07
C GLY A 364 -20.45 17.03 -22.22
N HIS A 365 -19.12 17.10 -22.24
CA HIS A 365 -18.38 18.23 -21.63
C HIS A 365 -18.89 19.56 -22.18
N ILE A 366 -18.96 19.68 -23.53
CA ILE A 366 -19.41 20.92 -24.17
C ILE A 366 -20.81 21.27 -23.71
N GLN A 367 -21.72 20.29 -23.68
CA GLN A 367 -23.09 20.60 -23.34
C GLN A 367 -23.19 21.18 -21.93
N TYR A 368 -22.41 20.62 -21.00
CA TYR A 368 -22.30 21.18 -19.65
C TYR A 368 -21.92 22.66 -19.71
N PHE A 369 -20.87 22.97 -20.47
CA PHE A 369 -20.39 24.36 -20.59
C PHE A 369 -21.52 25.28 -21.07
N LEU A 370 -22.31 24.81 -22.05
CA LEU A 370 -23.39 25.61 -22.63
C LEU A 370 -24.51 25.87 -21.63
N GLN A 371 -24.80 24.88 -20.79
CA GLN A 371 -25.92 25.02 -19.87
C GLN A 371 -25.59 25.90 -18.66
N TYR A 372 -24.34 25.91 -18.21
CA TYR A 372 -24.00 26.71 -17.03
C TYR A 372 -23.18 27.96 -17.38
N LYS A 373 -23.19 28.40 -18.64
CA LYS A 373 -22.30 29.48 -19.01
C LYS A 373 -22.65 30.80 -18.34
N ASP A 374 -23.82 30.88 -17.71
CA ASP A 374 -24.26 32.10 -17.05
C ASP A 374 -24.07 32.08 -15.55
N LEU A 375 -23.50 31.01 -15.00
CA LEU A 375 -23.12 31.02 -13.60
C LEU A 375 -21.87 31.87 -13.41
N PRO A 376 -21.58 32.26 -12.18
CA PRO A 376 -20.27 32.84 -11.88
C PRO A 376 -19.15 31.88 -12.26
N VAL A 377 -18.07 32.42 -12.83
CA VAL A 377 -17.05 31.57 -13.42
C VAL A 377 -16.57 30.52 -12.43
N SER A 378 -16.67 30.81 -11.12
CA SER A 378 -16.19 29.84 -10.15
C SER A 378 -17.10 28.63 -10.06
N LEU A 379 -18.38 28.78 -10.44
CA LEU A 379 -19.36 27.70 -10.41
C LEU A 379 -19.56 27.01 -11.76
N ARG A 380 -18.75 27.36 -12.76
CA ARG A 380 -18.81 26.70 -14.06
C ARG A 380 -17.89 25.48 -14.04
N GLU A 381 -18.38 24.45 -13.36
CA GLU A 381 -17.71 23.16 -13.30
C GLU A 381 -18.77 22.11 -12.92
N GLY A 382 -18.36 20.85 -12.90
CA GLY A 382 -19.30 19.81 -12.55
C GLY A 382 -19.71 19.91 -11.10
N ALA A 383 -20.84 19.26 -10.75
CA ALA A 383 -21.13 19.13 -9.34
C ALA A 383 -19.96 18.45 -8.61
N ASN A 384 -19.36 17.45 -9.24
CA ASN A 384 -17.98 17.09 -8.94
C ASN A 384 -17.37 16.69 -10.28
N PRO A 385 -16.07 16.42 -10.35
CA PRO A 385 -15.48 16.15 -11.68
C PRO A 385 -16.02 14.87 -12.33
N GLY A 386 -16.45 13.88 -11.54
CA GLY A 386 -17.08 12.69 -12.09
C GLY A 386 -18.39 12.95 -12.81
N PHE A 387 -19.16 13.95 -12.37
CA PHE A 387 -20.36 14.34 -13.11
C PHE A 387 -20.02 14.77 -14.53
N HIS A 388 -19.00 15.66 -14.65
CA HIS A 388 -18.65 16.18 -15.96
C HIS A 388 -18.23 15.04 -16.88
N GLU A 389 -17.51 14.05 -16.34
CA GLU A 389 -17.08 12.93 -17.16
C GLU A 389 -18.24 11.99 -17.54
N ALA A 390 -19.35 12.03 -16.82
CA ALA A 390 -20.41 11.04 -17.05
C ALA A 390 -21.44 11.45 -18.09
N ILE A 391 -21.52 12.74 -18.43
CA ILE A 391 -22.65 13.25 -19.21
C ILE A 391 -22.70 12.58 -20.58
N GLY A 392 -21.61 12.67 -21.34
CA GLY A 392 -21.63 12.11 -22.67
C GLY A 392 -21.72 10.61 -22.66
N ASP A 393 -21.08 9.98 -21.66
CA ASP A 393 -21.13 8.53 -21.56
C ASP A 393 -22.58 8.04 -21.38
N VAL A 394 -23.39 8.75 -20.59
CA VAL A 394 -24.79 8.31 -20.41
C VAL A 394 -25.52 8.29 -21.73
N LEU A 395 -25.36 9.35 -22.52
CA LEU A 395 -26.05 9.38 -23.81
C LEU A 395 -25.52 8.27 -24.71
N ALA A 396 -24.20 8.04 -24.67
CA ALA A 396 -23.63 6.99 -25.51
C ALA A 396 -24.14 5.62 -25.08
N LEU A 397 -24.53 5.45 -23.81
CA LEU A 397 -25.15 4.18 -23.41
C LEU A 397 -26.40 3.92 -24.26
N SER A 398 -27.19 4.95 -24.53
CA SER A 398 -28.37 4.77 -25.38
C SER A 398 -27.96 4.56 -26.84
N VAL A 399 -27.01 5.36 -27.32
CA VAL A 399 -26.56 5.26 -28.70
C VAL A 399 -26.03 3.87 -29.03
N SER A 400 -25.38 3.20 -28.05
CA SER A 400 -24.70 1.94 -28.26
C SER A 400 -25.68 0.77 -28.40
N THR A 401 -26.94 0.94 -28.05
CA THR A 401 -27.86 -0.20 -28.06
C THR A 401 -28.08 -0.69 -29.49
N PRO A 402 -28.23 -2.00 -29.69
CA PRO A 402 -28.55 -2.52 -31.04
C PRO A 402 -29.74 -1.84 -31.68
N GLU A 403 -30.77 -1.54 -30.88
CA GLU A 403 -31.96 -0.87 -31.38
C GLU A 403 -31.64 0.54 -31.86
N HIS A 404 -30.80 1.27 -31.11
CA HIS A 404 -30.45 2.61 -31.57
C HIS A 404 -29.55 2.57 -32.80
N LEU A 405 -28.55 1.69 -32.83
CA LEU A 405 -27.70 1.56 -33.99
C LEU A 405 -28.51 1.25 -35.24
N HIS A 406 -29.56 0.45 -35.10
CA HIS A 406 -30.47 0.22 -36.21
C HIS A 406 -31.11 1.52 -36.69
N LYS A 407 -31.64 2.33 -35.76
CA LYS A 407 -32.27 3.59 -36.12
C LYS A 407 -31.37 4.50 -36.95
N ILE A 408 -30.06 4.47 -36.73
CA ILE A 408 -29.15 5.38 -37.40
C ILE A 408 -28.37 4.67 -38.51
N GLY A 409 -28.83 3.50 -38.95
CA GLY A 409 -28.31 2.92 -40.16
C GLY A 409 -27.05 2.12 -40.02
N LEU A 410 -26.66 1.74 -38.79
CA LEU A 410 -25.40 1.04 -38.57
C LEU A 410 -25.60 -0.43 -38.23
N LEU A 411 -26.83 -0.92 -38.20
CA LEU A 411 -27.09 -2.33 -37.86
C LEU A 411 -28.41 -2.69 -38.53
N ASP A 412 -28.32 -3.26 -39.72
CA ASP A 412 -29.56 -3.54 -40.45
C ASP A 412 -30.40 -4.60 -39.74
N ARG A 413 -29.76 -5.61 -39.18
CA ARG A 413 -30.48 -6.75 -38.62
C ARG A 413 -30.87 -6.51 -37.16
N VAL A 414 -32.10 -6.89 -36.81
CA VAL A 414 -32.69 -6.67 -35.50
C VAL A 414 -32.95 -8.02 -34.84
N THR A 415 -32.60 -8.14 -33.56
CA THR A 415 -32.91 -9.34 -32.78
C THR A 415 -33.22 -8.93 -31.34
N ASN A 416 -33.98 -9.77 -30.64
CA ASN A 416 -34.22 -9.57 -29.23
C ASN A 416 -34.32 -10.96 -28.59
N ASP A 417 -33.15 -11.52 -28.28
CA ASP A 417 -33.06 -12.85 -27.73
C ASP A 417 -31.87 -12.89 -26.77
N THR A 418 -31.79 -13.95 -25.99
CA THR A 418 -30.82 -14.00 -24.90
C THR A 418 -29.39 -14.00 -25.42
N GLU A 419 -29.14 -14.68 -26.55
CA GLU A 419 -27.79 -14.72 -27.09
C GLU A 419 -27.34 -13.33 -27.53
N SER A 420 -28.24 -12.59 -28.18
CA SER A 420 -27.90 -11.26 -28.65
C SER A 420 -27.64 -10.33 -27.49
N ASP A 421 -28.43 -10.46 -26.41
CA ASP A 421 -28.19 -9.67 -25.20
C ASP A 421 -26.84 -9.97 -24.57
N ILE A 422 -26.47 -11.25 -24.49
CA ILE A 422 -25.16 -11.60 -23.94
C ILE A 422 -24.04 -10.99 -24.77
N ASN A 423 -24.14 -11.10 -26.09
CA ASN A 423 -23.18 -10.45 -26.98
C ASN A 423 -23.03 -8.98 -26.65
N TYR A 424 -24.16 -8.30 -26.50
CA TYR A 424 -24.14 -6.85 -26.35
C TYR A 424 -23.58 -6.48 -24.98
N LEU A 425 -23.98 -7.22 -23.95
CA LEU A 425 -23.52 -6.92 -22.60
C LEU A 425 -22.05 -7.30 -22.44
N LEU A 426 -21.60 -8.34 -23.12
CA LEU A 426 -20.18 -8.66 -23.09
C LEU A 426 -19.37 -7.54 -23.75
N LYS A 427 -19.83 -7.08 -24.91
CA LYS A 427 -19.13 -5.97 -25.58
C LYS A 427 -19.06 -4.73 -24.69
N MET A 428 -20.20 -4.34 -24.08
CA MET A 428 -20.22 -3.20 -23.16
C MET A 428 -19.29 -3.42 -21.95
N ALA A 429 -19.26 -4.65 -21.41
CA ALA A 429 -18.39 -4.94 -20.29
C ALA A 429 -16.91 -4.80 -20.67
N LEU A 430 -16.55 -5.15 -21.90
CA LEU A 430 -15.16 -4.99 -22.34
C LEU A 430 -14.71 -3.52 -22.24
N ASP A 431 -15.66 -2.59 -22.31
CA ASP A 431 -15.35 -1.15 -22.14
C ASP A 431 -15.52 -0.72 -20.69
N LYS A 432 -16.67 -0.97 -20.10
CA LYS A 432 -17.02 -0.40 -18.82
C LYS A 432 -16.48 -1.20 -17.64
N ILE A 433 -16.46 -2.54 -17.72
CA ILE A 433 -15.98 -3.34 -16.59
C ILE A 433 -14.46 -3.42 -16.61
N ALA A 434 -13.87 -3.70 -17.79
CA ALA A 434 -12.42 -3.78 -17.87
C ALA A 434 -11.76 -2.50 -17.39
N PHE A 435 -12.43 -1.36 -17.50
CA PHE A 435 -11.81 -0.08 -17.15
C PHE A 435 -11.73 0.16 -15.65
N LEU A 436 -12.63 -0.45 -14.87
CA LEU A 436 -12.79 -0.08 -13.46
C LEU A 436 -11.48 -0.23 -12.66
N PRO A 437 -10.77 -1.34 -12.72
CA PRO A 437 -9.50 -1.39 -11.96
C PRO A 437 -8.52 -0.29 -12.34
N PHE A 438 -8.44 0.07 -13.62
CA PHE A 438 -7.52 1.11 -14.08
C PHE A 438 -7.97 2.48 -13.61
N GLY A 439 -9.26 2.78 -13.77
CA GLY A 439 -9.77 4.05 -13.31
C GLY A 439 -9.57 4.25 -11.82
N TYR A 440 -9.57 3.15 -11.06
CA TYR A 440 -9.33 3.21 -9.62
C TYR A 440 -7.84 3.33 -9.26
N LEU A 441 -6.94 2.68 -10.01
CA LEU A 441 -5.55 2.58 -9.54
C LEU A 441 -4.71 3.82 -9.86
N VAL A 442 -5.02 4.55 -10.93
CA VAL A 442 -4.11 5.59 -11.41
C VAL A 442 -3.81 6.59 -10.28
N ASP A 443 -4.88 7.11 -9.64
CA ASP A 443 -4.65 8.11 -8.58
C ASP A 443 -4.27 7.46 -7.25
N GLN A 444 -4.50 6.16 -7.04
CA GLN A 444 -3.80 5.52 -5.92
C GLN A 444 -2.29 5.67 -6.09
N TRP A 445 -1.80 5.44 -7.31
CA TRP A 445 -0.37 5.63 -7.55
C TRP A 445 0.04 7.07 -7.28
N ARG A 446 -0.71 8.04 -7.84
CA ARG A 446 -0.32 9.43 -7.70
C ARG A 446 -0.48 9.92 -6.27
N TRP A 447 -1.49 9.42 -5.56
CA TRP A 447 -1.64 9.84 -4.17
C TRP A 447 -0.43 9.40 -3.35
N GLY A 448 0.07 8.19 -3.62
CA GLY A 448 1.27 7.71 -2.94
C GLY A 448 2.52 8.49 -3.31
N VAL A 449 2.62 8.95 -4.55
CA VAL A 449 3.72 9.81 -4.95
C VAL A 449 3.64 11.17 -4.23
N PHE A 450 2.46 11.79 -4.25
CA PHE A 450 2.30 13.10 -3.65
C PHE A 450 2.53 13.03 -2.15
N SER A 451 2.13 11.94 -1.52
CA SER A 451 2.31 11.82 -0.07
C SER A 451 3.73 11.44 0.33
N GLY A 452 4.54 10.91 -0.59
CA GLY A 452 5.88 10.48 -0.31
C GLY A 452 6.03 9.02 0.04
N ARG A 453 4.93 8.26 0.10
CA ARG A 453 5.07 6.83 0.31
C ARG A 453 5.70 6.16 -0.90
N THR A 454 5.56 6.75 -2.09
CA THR A 454 6.23 6.33 -3.32
C THR A 454 7.26 7.37 -3.75
N PRO A 455 8.50 7.22 -3.34
CA PRO A 455 9.57 8.09 -3.84
C PRO A 455 9.99 7.70 -5.23
N PRO A 456 10.75 8.56 -5.92
CA PRO A 456 11.19 8.23 -7.28
C PRO A 456 11.84 6.86 -7.40
N SER A 457 12.57 6.43 -6.35
CA SER A 457 13.17 5.11 -6.28
C SER A 457 12.15 3.97 -6.38
N ARG A 458 10.85 4.26 -6.25
CA ARG A 458 9.84 3.22 -6.37
C ARG A 458 8.70 3.59 -7.33
N TYR A 459 8.91 4.54 -8.27
CA TYR A 459 7.83 4.94 -9.16
C TYR A 459 7.29 3.76 -9.95
N ASN A 460 8.18 2.92 -10.51
CA ASN A 460 7.73 1.86 -11.40
C ASN A 460 7.38 0.60 -10.64
N PHE A 461 8.14 0.31 -9.58
CA PHE A 461 7.82 -0.79 -8.68
C PHE A 461 6.37 -0.67 -8.19
N ASP A 462 6.00 0.51 -7.73
CA ASP A 462 4.68 0.72 -7.17
C ASP A 462 3.60 0.82 -8.25
N TRP A 463 3.94 1.35 -9.43
CA TRP A 463 2.99 1.33 -10.55
C TRP A 463 2.59 -0.10 -10.91
N TRP A 464 3.59 -0.97 -11.09
CA TRP A 464 3.30 -2.34 -11.53
C TRP A 464 2.73 -3.18 -10.39
N TYR A 465 3.04 -2.83 -9.15
CA TYR A 465 2.34 -3.46 -8.04
C TYR A 465 0.84 -3.22 -8.19
N LEU A 466 0.46 -1.99 -8.51
CA LEU A 466 -0.95 -1.65 -8.61
C LEU A 466 -1.57 -2.20 -9.90
N ARG A 467 -0.83 -2.16 -11.00
CA ARG A 467 -1.32 -2.73 -12.26
C ARG A 467 -1.63 -4.20 -12.12
N THR A 468 -0.73 -4.95 -11.48
CA THR A 468 -0.96 -6.35 -11.24
C THR A 468 -2.08 -6.59 -10.23
N LYS A 469 -2.04 -5.88 -9.10
CA LYS A 469 -3.03 -6.05 -8.04
C LYS A 469 -4.45 -5.89 -8.56
N TYR A 470 -4.70 -4.83 -9.34
CA TYR A 470 -6.05 -4.47 -9.76
C TYR A 470 -6.42 -5.01 -11.12
N GLN A 471 -5.56 -4.78 -12.12
CA GLN A 471 -5.86 -5.21 -13.49
C GLN A 471 -5.42 -6.63 -13.82
N GLY A 472 -4.53 -7.23 -13.03
CA GLY A 472 -4.11 -8.58 -13.34
C GLY A 472 -3.37 -8.68 -14.65
N ILE A 473 -2.51 -7.70 -14.93
CA ILE A 473 -1.68 -7.68 -16.12
C ILE A 473 -0.22 -7.57 -15.68
N CYS A 474 0.68 -7.87 -16.60
CA CYS A 474 2.11 -7.78 -16.36
C CYS A 474 2.79 -7.22 -17.60
N PRO A 475 3.91 -6.54 -17.43
CA PRO A 475 4.62 -6.00 -18.58
C PRO A 475 5.23 -7.13 -19.38
N PRO A 476 5.18 -7.07 -20.72
CA PRO A 476 5.70 -8.18 -21.53
C PRO A 476 7.21 -8.15 -21.75
N VAL A 477 7.91 -7.13 -21.24
CA VAL A 477 9.37 -7.14 -21.14
C VAL A 477 9.73 -6.66 -19.73
N THR A 478 10.95 -6.97 -19.33
CA THR A 478 11.39 -6.60 -17.98
C THR A 478 11.43 -5.10 -17.86
N ARG A 479 11.05 -4.59 -16.68
CA ARG A 479 11.11 -3.17 -16.40
C ARG A 479 11.94 -2.92 -15.15
N ASN A 480 12.58 -1.76 -15.09
CA ASN A 480 13.28 -1.35 -13.88
C ASN A 480 13.01 0.14 -13.64
N GLU A 481 13.64 0.72 -12.62
CA GLU A 481 13.31 2.09 -12.24
C GLU A 481 13.90 3.15 -13.17
N THR A 482 14.63 2.74 -14.20
CA THR A 482 14.89 3.63 -15.32
C THR A 482 13.61 3.90 -16.09
N HIS A 483 12.74 2.91 -16.16
CA HIS A 483 11.46 3.11 -16.79
C HIS A 483 10.49 3.84 -15.88
N PHE A 484 9.57 4.60 -16.50
CA PHE A 484 8.59 5.40 -15.78
C PHE A 484 7.27 5.24 -16.52
N ASP A 485 6.69 4.03 -16.39
CA ASP A 485 5.56 3.60 -17.21
C ASP A 485 4.27 4.36 -16.87
N ALA A 486 4.16 4.89 -15.65
CA ALA A 486 3.03 5.77 -15.36
C ALA A 486 3.06 7.00 -16.26
N GLY A 487 4.25 7.46 -16.63
CA GLY A 487 4.40 8.65 -17.44
C GLY A 487 4.00 8.48 -18.88
N ALA A 488 3.81 7.24 -19.32
CA ALA A 488 3.36 6.90 -20.67
C ALA A 488 1.84 6.92 -20.80
N LYS A 489 1.13 7.37 -19.77
CA LYS A 489 -0.31 7.60 -19.78
C LYS A 489 -0.56 9.10 -19.73
N PHE A 490 -1.36 9.62 -20.68
CA PHE A 490 -1.52 11.05 -20.89
C PHE A 490 -1.65 11.86 -19.60
N HIS A 491 -2.59 11.47 -18.73
CA HIS A 491 -3.00 12.32 -17.62
C HIS A 491 -1.86 12.58 -16.62
N VAL A 492 -0.83 11.74 -16.62
CA VAL A 492 0.23 11.86 -15.63
C VAL A 492 1.12 13.05 -15.97
N PRO A 493 1.79 13.07 -17.13
CA PRO A 493 2.58 14.27 -17.47
C PRO A 493 1.72 15.50 -17.72
N ASN A 494 0.43 15.35 -18.04
CA ASN A 494 -0.43 16.51 -18.18
C ASN A 494 -1.12 16.92 -16.89
N VAL A 495 -0.70 16.34 -15.77
CA VAL A 495 -1.04 16.82 -14.43
C VAL A 495 -2.54 17.04 -14.27
N THR A 496 -3.33 16.03 -14.64
CA THR A 496 -4.76 16.14 -14.50
C THR A 496 -5.30 14.85 -13.87
N PRO A 497 -6.23 14.95 -12.94
CA PRO A 497 -6.57 13.80 -12.09
C PRO A 497 -7.38 12.77 -12.83
N TYR A 498 -7.43 11.57 -12.21
CA TYR A 498 -8.02 10.39 -12.83
C TYR A 498 -9.18 9.78 -12.08
N ILE A 499 -9.29 9.98 -10.76
CA ILE A 499 -10.31 9.22 -10.03
C ILE A 499 -11.71 9.57 -10.54
N ARG A 500 -11.86 10.77 -11.13
CA ARG A 500 -13.12 11.21 -11.74
C ARG A 500 -13.68 10.18 -12.73
N TYR A 501 -12.82 9.44 -13.41
CA TYR A 501 -13.30 8.49 -14.41
C TYR A 501 -13.89 7.24 -13.74
N PHE A 502 -13.29 6.79 -12.65
CA PHE A 502 -13.88 5.71 -11.87
C PHE A 502 -15.23 6.12 -11.30
N VAL A 503 -15.30 7.31 -10.70
CA VAL A 503 -16.58 7.83 -10.21
C VAL A 503 -17.60 7.92 -11.33
N SER A 504 -17.16 8.41 -12.50
N SER A 504 -17.16 8.38 -12.51
CA SER A 504 -18.07 8.56 -13.62
CA SER A 504 -18.09 8.57 -13.61
C SER A 504 -18.64 7.23 -14.08
C SER A 504 -18.60 7.25 -14.17
N PHE A 505 -17.83 6.17 -14.07
CA PHE A 505 -18.29 4.87 -14.59
C PHE A 505 -19.35 4.27 -13.68
N VAL A 506 -19.31 4.59 -12.38
CA VAL A 506 -20.38 4.17 -11.49
C VAL A 506 -21.58 5.10 -11.63
N LEU A 507 -21.31 6.41 -11.67
CA LEU A 507 -22.36 7.40 -11.75
C LEU A 507 -23.20 7.23 -13.00
N GLN A 508 -22.56 6.93 -14.13
CA GLN A 508 -23.28 7.03 -15.39
C GLN A 508 -24.42 6.01 -15.45
N PHE A 509 -24.29 4.90 -14.73
CA PHE A 509 -25.39 3.93 -14.70
C PHE A 509 -26.48 4.37 -13.73
N GLN A 510 -26.11 5.09 -12.67
CA GLN A 510 -27.13 5.73 -11.84
C GLN A 510 -27.93 6.72 -12.64
N PHE A 511 -27.23 7.57 -13.44
CA PHE A 511 -27.89 8.55 -14.29
C PHE A 511 -28.82 7.84 -15.29
N HIS A 512 -28.28 6.82 -15.95
CA HIS A 512 -29.01 6.10 -17.01
C HIS A 512 -30.32 5.54 -16.48
N GLU A 513 -30.27 4.88 -15.33
CA GLU A 513 -31.47 4.34 -14.72
C GLU A 513 -32.51 5.42 -14.45
N ALA A 514 -32.09 6.57 -13.92
CA ALA A 514 -33.05 7.62 -13.61
C ALA A 514 -33.63 8.24 -14.88
N LEU A 515 -32.80 8.47 -15.90
CA LEU A 515 -33.30 9.06 -17.13
C LEU A 515 -34.24 8.09 -17.85
N CYS A 516 -33.91 6.81 -17.80
CA CYS A 516 -34.77 5.83 -18.48
C CYS A 516 -36.13 5.78 -17.81
N LYS A 517 -36.14 5.77 -16.47
CA LYS A 517 -37.39 5.81 -15.73
C LYS A 517 -38.17 7.07 -16.07
N GLU A 518 -37.49 8.20 -16.13
CA GLU A 518 -38.15 9.45 -16.43
C GLU A 518 -38.73 9.45 -17.83
N ALA A 519 -38.06 8.77 -18.76
CA ALA A 519 -38.58 8.69 -20.12
C ALA A 519 -39.75 7.72 -20.24
N GLY A 520 -40.10 7.01 -19.16
CA GLY A 520 -41.18 6.05 -19.23
C GLY A 520 -40.79 4.70 -19.79
N TYR A 521 -39.49 4.43 -19.92
CA TYR A 521 -39.06 3.15 -20.47
C TYR A 521 -39.29 2.04 -19.46
N GLU A 522 -39.80 0.90 -19.93
CA GLU A 522 -40.21 -0.17 -19.02
C GLU A 522 -39.64 -1.54 -19.34
N GLY A 523 -38.62 -1.65 -20.18
CA GLY A 523 -37.92 -2.90 -20.36
C GLY A 523 -36.63 -3.06 -19.56
N PRO A 524 -35.81 -4.03 -19.98
CA PRO A 524 -34.51 -4.20 -19.32
C PRO A 524 -33.67 -2.94 -19.43
N LEU A 525 -32.93 -2.65 -18.36
CA LEU A 525 -32.17 -1.39 -18.32
C LEU A 525 -31.18 -1.30 -19.47
N HIS A 526 -30.52 -2.37 -19.79
CA HIS A 526 -29.56 -2.37 -20.90
C HIS A 526 -30.19 -2.23 -22.28
N GLN A 527 -31.51 -2.24 -22.44
CA GLN A 527 -32.12 -1.98 -23.74
C GLN A 527 -32.77 -0.61 -23.80
N CYS A 528 -32.68 0.19 -22.74
CA CYS A 528 -33.25 1.53 -22.75
C CYS A 528 -32.49 2.41 -23.75
N ASP A 529 -33.24 3.23 -24.47
CA ASP A 529 -32.68 4.25 -25.36
C ASP A 529 -33.49 5.49 -25.09
N ILE A 530 -32.86 6.56 -24.54
CA ILE A 530 -33.63 7.76 -24.21
C ILE A 530 -33.77 8.73 -25.39
N TYR A 531 -33.23 8.39 -26.56
CA TYR A 531 -33.37 9.22 -27.76
C TYR A 531 -34.77 9.77 -27.89
N ARG A 532 -34.85 11.07 -28.18
CA ARG A 532 -36.07 11.85 -28.35
C ARG A 532 -36.94 11.97 -27.09
N SER A 533 -36.48 11.53 -25.92
CA SER A 533 -37.23 11.78 -24.69
C SER A 533 -36.94 13.19 -24.17
N THR A 534 -37.89 14.10 -24.41
CA THR A 534 -37.74 15.46 -23.90
C THR A 534 -37.87 15.52 -22.38
N LYS A 535 -38.62 14.61 -21.77
CA LYS A 535 -38.65 14.52 -20.31
C LYS A 535 -37.28 14.13 -19.75
N ALA A 536 -36.67 13.07 -20.29
CA ALA A 536 -35.29 12.74 -19.91
C ALA A 536 -34.39 13.95 -20.09
N GLY A 537 -34.56 14.68 -21.20
CA GLY A 537 -33.72 15.83 -21.46
C GLY A 537 -33.86 16.91 -20.39
N ALA A 538 -35.10 17.18 -19.96
CA ALA A 538 -35.29 18.19 -18.94
C ALA A 538 -34.64 17.79 -17.64
N LYS A 539 -34.77 16.52 -17.25
CA LYS A 539 -34.17 16.07 -16.01
C LYS A 539 -32.64 16.22 -16.05
N LEU A 540 -32.01 15.85 -17.17
CA LEU A 540 -30.57 16.03 -17.30
C LEU A 540 -30.20 17.51 -17.30
N ARG A 541 -31.03 18.35 -17.94
CA ARG A 541 -30.74 19.78 -18.05
C ARG A 541 -30.64 20.44 -16.68
N LYS A 542 -31.48 19.99 -15.73
CA LYS A 542 -31.42 20.54 -14.38
C LYS A 542 -30.05 20.30 -13.74
N VAL A 543 -29.51 19.10 -13.91
CA VAL A 543 -28.17 18.83 -13.43
C VAL A 543 -27.16 19.75 -14.11
N LEU A 544 -27.27 19.87 -15.44
CA LEU A 544 -26.22 20.59 -16.16
C LEU A 544 -26.20 22.06 -15.76
N ARG A 545 -27.38 22.65 -15.53
CA ARG A 545 -27.49 24.07 -15.25
C ARG A 545 -26.99 24.44 -13.85
N ALA A 546 -26.96 23.48 -12.92
CA ALA A 546 -26.48 23.74 -11.56
C ALA A 546 -24.96 23.94 -11.44
N GLY A 547 -24.16 23.57 -12.44
CA GLY A 547 -22.72 23.62 -12.31
C GLY A 547 -22.31 23.10 -10.94
N SER A 548 -21.35 23.80 -10.30
CA SER A 548 -20.93 23.50 -8.95
C SER A 548 -21.56 24.44 -7.94
N SER A 549 -22.74 24.96 -8.27
CA SER A 549 -23.40 25.88 -7.36
C SER A 549 -23.86 25.19 -6.09
N ARG A 550 -24.13 23.89 -6.15
CA ARG A 550 -24.68 23.13 -5.04
C ARG A 550 -23.84 21.89 -4.77
N PRO A 551 -23.94 21.33 -3.55
CA PRO A 551 -23.18 20.12 -3.24
C PRO A 551 -23.66 18.95 -4.09
N TRP A 552 -22.68 18.20 -4.61
CA TRP A 552 -22.98 17.18 -5.60
C TRP A 552 -23.89 16.11 -5.03
N GLN A 553 -23.84 15.90 -3.71
CA GLN A 553 -24.69 14.89 -3.07
C GLN A 553 -26.17 15.23 -3.19
N GLU A 554 -26.53 16.51 -3.19
CA GLU A 554 -27.92 16.96 -3.29
C GLU A 554 -28.40 17.13 -4.73
N VAL A 555 -27.52 17.57 -5.64
CA VAL A 555 -27.86 17.48 -7.07
C VAL A 555 -28.17 16.03 -7.42
N LEU A 556 -27.33 15.10 -6.94
CA LEU A 556 -27.53 13.69 -7.22
C LEU A 556 -28.90 13.21 -6.70
N LYS A 557 -29.24 13.56 -5.45
CA LYS A 557 -30.50 13.06 -4.90
C LYS A 557 -31.69 13.60 -5.68
N ASP A 558 -31.63 14.86 -6.13
CA ASP A 558 -32.73 15.40 -6.92
C ASP A 558 -32.90 14.64 -8.24
N MET A 559 -31.80 14.14 -8.80
CA MET A 559 -31.86 13.48 -10.11
C MET A 559 -32.27 12.01 -10.01
N VAL A 560 -31.66 11.27 -9.09
CA VAL A 560 -31.79 9.82 -9.05
C VAL A 560 -32.39 9.31 -7.74
N GLY A 561 -32.58 10.17 -6.75
CA GLY A 561 -33.26 9.78 -5.54
C GLY A 561 -32.36 9.26 -4.45
N LEU A 562 -31.07 9.50 -4.55
CA LEU A 562 -30.09 8.97 -3.65
C LEU A 562 -28.94 9.97 -3.59
N ASP A 563 -28.35 10.13 -2.41
CA ASP A 563 -27.33 11.15 -2.18
C ASP A 563 -25.91 10.58 -2.17
N ALA A 564 -25.72 9.38 -2.72
CA ALA A 564 -24.42 8.73 -2.71
C ALA A 564 -24.17 8.00 -4.02
N LEU A 565 -22.89 7.78 -4.30
CA LEU A 565 -22.50 6.82 -5.32
C LEU A 565 -23.00 5.43 -4.92
N ASP A 566 -23.57 4.72 -5.89
CA ASP A 566 -24.21 3.44 -5.66
C ASP A 566 -23.90 2.55 -6.88
N ALA A 567 -23.34 1.38 -6.62
CA ALA A 567 -22.99 0.44 -7.68
C ALA A 567 -24.18 -0.38 -8.18
N GLN A 568 -25.32 -0.29 -7.51
CA GLN A 568 -26.44 -1.17 -7.85
C GLN A 568 -26.95 -0.98 -9.27
N PRO A 569 -27.06 0.24 -9.81
CA PRO A 569 -27.52 0.37 -11.20
C PRO A 569 -26.57 -0.28 -12.18
N LEU A 570 -25.26 -0.11 -12.02
CA LEU A 570 -24.30 -0.82 -12.86
C LEU A 570 -24.50 -2.32 -12.76
N LEU A 571 -24.62 -2.84 -11.53
CA LEU A 571 -24.78 -4.28 -11.37
C LEU A 571 -26.06 -4.78 -12.04
N LYS A 572 -27.17 -4.03 -11.87
CA LYS A 572 -28.43 -4.38 -12.52
C LYS A 572 -28.30 -4.39 -14.04
N TYR A 573 -27.56 -3.43 -14.59
CA TYR A 573 -27.39 -3.36 -16.03
C TYR A 573 -26.70 -4.61 -16.56
N PHE A 574 -25.68 -5.06 -15.87
CA PHE A 574 -24.84 -6.14 -16.40
C PHE A 574 -25.29 -7.53 -15.96
N GLN A 575 -26.30 -7.59 -15.12
CA GLN A 575 -26.62 -8.79 -14.35
C GLN A 575 -26.62 -10.07 -15.21
N LEU A 576 -27.17 -10.00 -16.43
CA LEU A 576 -27.27 -11.22 -17.25
C LEU A 576 -25.90 -11.74 -17.67
N VAL A 577 -24.97 -10.84 -18.02
CA VAL A 577 -23.68 -11.33 -18.48
C VAL A 577 -22.80 -11.63 -17.28
N THR A 578 -23.06 -10.97 -16.15
CA THR A 578 -22.37 -11.32 -14.92
C THR A 578 -22.65 -12.79 -14.59
N GLN A 579 -23.93 -13.16 -14.62
CA GLN A 579 -24.32 -14.55 -14.39
C GLN A 579 -23.71 -15.49 -15.43
N TRP A 580 -23.74 -15.09 -16.70
CA TRP A 580 -23.27 -15.97 -17.77
C TRP A 580 -21.76 -16.23 -17.69
N LEU A 581 -20.97 -15.17 -17.46
CA LEU A 581 -19.52 -15.34 -17.40
C LEU A 581 -19.12 -16.23 -16.23
N GLN A 582 -19.81 -16.06 -15.11
CA GLN A 582 -19.57 -16.90 -13.95
C GLN A 582 -19.80 -18.37 -14.30
N GLU A 583 -20.93 -18.66 -14.94
CA GLU A 583 -21.22 -20.02 -15.39
C GLU A 583 -20.13 -20.56 -16.32
N GLN A 584 -19.78 -19.79 -17.35
CA GLN A 584 -18.77 -20.21 -18.31
C GLN A 584 -17.44 -20.51 -17.64
N ASN A 585 -16.99 -19.62 -16.75
CA ASN A 585 -15.70 -19.84 -16.11
C ASN A 585 -15.72 -21.10 -15.25
N GLN A 586 -16.80 -21.32 -14.49
CA GLN A 586 -16.93 -22.57 -13.74
C GLN A 586 -16.86 -23.78 -14.67
N GLN A 587 -17.68 -23.79 -15.71
CA GLN A 587 -17.69 -24.93 -16.61
C GLN A 587 -16.33 -25.15 -17.26
N ASN A 588 -15.54 -24.10 -17.43
CA ASN A 588 -14.21 -24.29 -17.99
C ASN A 588 -13.17 -24.58 -16.92
N GLY A 589 -13.57 -24.66 -15.65
CA GLY A 589 -12.59 -24.86 -14.59
C GLY A 589 -11.57 -23.75 -14.45
N GLU A 590 -12.00 -22.49 -14.64
CA GLU A 590 -11.06 -21.39 -14.61
C GLU A 590 -10.63 -21.12 -13.17
N VAL A 591 -9.42 -20.60 -13.04
CA VAL A 591 -8.97 -19.95 -11.81
C VAL A 591 -9.28 -18.46 -11.94
N LEU A 592 -10.11 -17.95 -11.04
CA LEU A 592 -10.31 -16.50 -10.96
C LEU A 592 -9.11 -15.88 -10.24
N GLY A 593 -8.57 -14.82 -10.81
CA GLY A 593 -7.35 -14.24 -10.29
C GLY A 593 -6.12 -14.70 -11.03
N TRP A 594 -4.97 -14.34 -10.47
CA TRP A 594 -3.67 -14.62 -11.06
C TRP A 594 -2.69 -15.00 -9.95
N PRO A 595 -2.85 -16.19 -9.38
CA PRO A 595 -2.00 -16.60 -8.25
C PRO A 595 -0.55 -16.77 -8.61
N GLU A 596 -0.21 -16.95 -9.89
CA GLU A 596 1.18 -16.90 -10.31
C GLU A 596 1.56 -15.46 -10.62
N TYR A 597 1.55 -14.65 -9.54
CA TYR A 597 1.73 -13.21 -9.64
C TYR A 597 3.12 -12.80 -10.12
N GLN A 598 4.10 -13.70 -10.06
CA GLN A 598 5.45 -13.40 -10.51
C GLN A 598 5.64 -13.62 -12.00
N TRP A 599 4.66 -14.23 -12.64
CA TRP A 599 4.83 -14.69 -14.01
C TRP A 599 4.85 -13.53 -15.00
N HIS A 600 5.81 -13.62 -15.94
CA HIS A 600 5.91 -12.75 -17.11
C HIS A 600 6.15 -13.61 -18.35
N PRO A 601 5.69 -13.20 -19.53
CA PRO A 601 5.89 -14.06 -20.74
C PRO A 601 7.34 -14.04 -21.20
N PRO A 602 7.76 -15.02 -21.99
CA PRO A 602 9.09 -14.94 -22.60
C PRO A 602 9.11 -13.96 -23.77
N LEU A 603 10.31 -13.61 -24.18
CA LEU A 603 10.46 -12.81 -25.39
C LEU A 603 10.29 -13.68 -26.62
N PRO A 604 9.71 -13.14 -27.70
CA PRO A 604 9.77 -13.83 -28.99
C PRO A 604 11.22 -14.19 -29.34
N ASP A 605 11.39 -15.35 -29.99
CA ASP A 605 12.74 -15.80 -30.32
C ASP A 605 13.44 -14.79 -31.21
N ASN A 606 12.70 -14.15 -32.09
CA ASN A 606 13.23 -13.13 -32.97
C ASN A 606 13.46 -11.80 -32.30
N TYR A 607 13.31 -11.69 -30.98
CA TYR A 607 13.06 -10.32 -30.56
C TYR A 607 14.36 -9.55 -30.40
N PRO A 608 14.40 -8.28 -30.85
CA PRO A 608 13.38 -7.42 -31.50
C PRO A 608 13.17 -7.60 -33.00
N GLU A 609 11.96 -8.00 -33.36
CA GLU A 609 11.52 -8.04 -34.75
C GLU A 609 10.02 -8.36 -34.73
N GLY A 610 9.29 -7.77 -35.68
CA GLY A 610 7.86 -8.04 -35.81
C GLY A 610 7.51 -8.99 -36.94
N LEU B 1 -17.50 -24.55 33.37
CA LEU B 1 -16.62 -23.64 34.19
C LEU B 1 -16.90 -23.84 35.69
N ASP B 2 -15.87 -23.66 36.52
CA ASP B 2 -16.04 -23.84 37.96
C ASP B 2 -16.85 -22.69 38.55
N PRO B 3 -17.85 -22.98 39.41
CA PRO B 3 -18.60 -21.88 40.06
C PRO B 3 -17.78 -21.02 41.02
N GLY B 4 -16.64 -21.51 41.53
CA GLY B 4 -15.81 -20.64 42.33
C GLY B 4 -15.14 -19.56 41.49
N LEU B 5 -14.94 -19.85 40.21
CA LEU B 5 -14.33 -18.91 39.28
C LEU B 5 -15.35 -18.01 38.61
N GLN B 6 -16.66 -18.23 38.85
CA GLN B 6 -17.68 -17.31 38.37
C GLN B 6 -17.73 -16.09 39.30
N PRO B 7 -18.09 -14.93 38.79
CA PRO B 7 -18.14 -13.74 39.64
C PRO B 7 -19.35 -13.82 40.57
N GLY B 8 -19.26 -13.13 41.69
CA GLY B 8 -20.33 -13.04 42.65
C GLY B 8 -21.15 -11.77 42.48
N GLN B 9 -21.65 -11.24 43.60
CA GLN B 9 -22.41 -10.01 43.60
C GLN B 9 -21.50 -8.80 43.76
N PHE B 10 -21.75 -7.79 42.95
CA PHE B 10 -21.01 -6.53 42.97
C PHE B 10 -21.99 -5.43 42.61
N SER B 11 -21.72 -4.22 43.08
CA SER B 11 -22.66 -3.13 42.99
C SER B 11 -22.30 -2.18 41.84
N ALA B 12 -23.16 -1.17 41.64
CA ALA B 12 -23.06 -0.25 40.50
C ALA B 12 -22.01 0.84 40.70
N ASP B 13 -21.85 1.34 41.92
CA ASP B 13 -20.90 2.38 42.26
C ASP B 13 -19.48 2.10 41.78
N GLU B 14 -18.61 3.13 41.83
CA GLU B 14 -17.18 2.94 41.63
C GLU B 14 -16.62 1.90 42.59
N ALA B 15 -16.99 1.98 43.87
CA ALA B 15 -16.54 1.01 44.85
C ALA B 15 -17.00 -0.40 44.49
N GLY B 16 -18.16 -0.53 43.84
CA GLY B 16 -18.64 -1.86 43.45
C GLY B 16 -17.79 -2.49 42.38
N ALA B 17 -17.38 -1.68 41.38
CA ALA B 17 -16.46 -2.15 40.36
C ALA B 17 -15.06 -2.39 40.93
N GLN B 18 -14.68 -1.64 41.96
CA GLN B 18 -13.43 -1.88 42.68
C GLN B 18 -13.35 -3.31 43.20
N LEU B 19 -14.43 -3.80 43.82
CA LEU B 19 -14.47 -5.18 44.27
C LEU B 19 -14.56 -6.15 43.08
N PHE B 20 -15.34 -5.78 42.05
CA PHE B 20 -15.29 -6.51 40.79
C PHE B 20 -13.85 -6.68 40.32
N ALA B 21 -13.03 -5.62 40.45
CA ALA B 21 -11.62 -5.68 40.04
C ALA B 21 -10.85 -6.71 40.84
N GLN B 22 -10.75 -6.51 42.16
CA GLN B 22 -9.92 -7.39 42.98
C GLN B 22 -10.40 -8.83 42.90
N SER B 23 -11.70 -9.06 42.90
CA SER B 23 -12.19 -10.42 42.71
C SER B 23 -11.83 -10.95 41.32
N TYR B 24 -11.80 -10.08 40.30
CA TYR B 24 -11.40 -10.49 38.96
C TYR B 24 -9.93 -10.90 38.91
N GLN B 25 -9.08 -10.20 39.66
CA GLN B 25 -7.64 -10.47 39.62
C GLN B 25 -7.27 -11.70 40.44
N SER B 26 -7.89 -11.89 41.61
CA SER B 26 -7.60 -13.06 42.42
C SER B 26 -7.92 -14.34 41.68
N SER B 27 -9.03 -14.35 40.94
CA SER B 27 -9.37 -15.54 40.15
C SER B 27 -8.62 -15.56 38.83
N ALA B 28 -8.17 -14.41 38.34
CA ALA B 28 -7.33 -14.35 37.15
C ALA B 28 -6.12 -15.27 37.29
N GLU B 29 -5.31 -15.00 38.32
CA GLU B 29 -4.16 -15.83 38.68
C GLU B 29 -4.38 -17.31 38.42
N GLN B 30 -5.53 -17.83 38.85
CA GLN B 30 -5.76 -19.27 38.75
C GLN B 30 -6.04 -19.69 37.32
N VAL B 31 -6.78 -18.87 36.56
CA VAL B 31 -6.99 -19.16 35.14
C VAL B 31 -5.69 -18.99 34.39
N LEU B 32 -5.02 -17.86 34.61
CA LEU B 32 -3.72 -17.62 33.98
C LEU B 32 -2.75 -18.75 34.29
N PHE B 33 -2.69 -19.19 35.55
CA PHE B 33 -1.74 -20.23 35.91
C PHE B 33 -2.01 -21.51 35.13
N GLN B 34 -3.27 -21.93 35.03
CA GLN B 34 -3.54 -23.20 34.38
C GLN B 34 -3.37 -23.10 32.87
N SER B 35 -3.64 -21.91 32.31
CA SER B 35 -3.36 -21.68 30.89
C SER B 35 -1.87 -21.81 30.60
N VAL B 36 -1.06 -21.04 31.34
CA VAL B 36 0.40 -21.07 31.14
C VAL B 36 0.93 -22.47 31.38
N ALA B 37 0.52 -23.08 32.49
CA ALA B 37 0.94 -24.44 32.79
C ALA B 37 0.65 -25.39 31.64
N ALA B 38 -0.57 -25.30 31.08
CA ALA B 38 -0.95 -26.24 30.02
C ALA B 38 -0.14 -26.00 28.76
N SER B 39 0.08 -24.72 28.41
CA SER B 39 0.95 -24.41 27.28
C SER B 39 2.38 -24.87 27.53
N TRP B 40 2.88 -24.66 28.76
CA TRP B 40 4.22 -25.17 29.08
C TRP B 40 4.29 -26.67 28.82
N ALA B 41 3.29 -27.42 29.31
CA ALA B 41 3.23 -28.85 29.03
C ALA B 41 3.24 -29.16 27.53
N HIS B 42 2.48 -28.39 26.74
CA HIS B 42 2.48 -28.65 25.30
C HIS B 42 3.82 -28.26 24.65
N ASP B 43 4.28 -27.03 24.89
CA ASP B 43 5.44 -26.52 24.16
C ASP B 43 6.73 -27.26 24.52
N THR B 44 6.82 -27.86 25.70
CA THR B 44 7.98 -28.68 26.04
C THR B 44 7.74 -30.17 25.78
N ASN B 45 6.61 -30.52 25.18
CA ASN B 45 6.25 -31.92 24.98
C ASN B 45 5.03 -31.92 24.05
N ILE B 46 5.27 -31.75 22.76
CA ILE B 46 4.20 -31.61 21.79
C ILE B 46 3.61 -32.98 21.57
N THR B 47 2.42 -33.22 22.12
CA THR B 47 1.68 -34.44 21.88
C THR B 47 0.24 -34.07 21.58
N ALA B 48 -0.40 -34.90 20.76
CA ALA B 48 -1.83 -34.73 20.53
C ALA B 48 -2.56 -34.59 21.85
N GLU B 49 -2.16 -35.36 22.87
CA GLU B 49 -2.83 -35.32 24.16
C GLU B 49 -2.64 -33.97 24.85
N ASN B 50 -1.40 -33.45 24.85
CA ASN B 50 -1.16 -32.15 25.48
C ASN B 50 -1.81 -31.03 24.71
N ALA B 51 -1.91 -31.16 23.38
CA ALA B 51 -2.70 -30.23 22.59
C ALA B 51 -4.14 -30.19 23.11
N ARG B 52 -4.79 -31.36 23.14
CA ARG B 52 -6.13 -31.47 23.72
C ARG B 52 -6.19 -30.81 25.10
N ARG B 53 -5.27 -31.18 26.00
CA ARG B 53 -5.27 -30.62 27.35
C ARG B 53 -5.09 -29.11 27.34
N GLN B 54 -4.28 -28.59 26.41
CA GLN B 54 -4.15 -27.15 26.22
C GLN B 54 -5.37 -26.58 25.50
N GLU B 55 -5.85 -27.23 24.44
CA GLU B 55 -7.09 -26.76 23.81
C GLU B 55 -8.22 -26.75 24.83
N GLU B 56 -8.20 -27.73 25.75
CA GLU B 56 -9.15 -27.76 26.85
C GLU B 56 -8.97 -26.57 27.80
N ALA B 57 -7.72 -26.24 28.16
CA ALA B 57 -7.48 -25.15 29.11
C ALA B 57 -7.83 -23.79 28.50
N ALA B 58 -7.72 -23.66 27.18
CA ALA B 58 -8.12 -22.44 26.50
C ALA B 58 -9.62 -22.23 26.59
N LEU B 59 -10.40 -23.27 26.23
CA LEU B 59 -11.86 -23.17 26.30
C LEU B 59 -12.30 -22.72 27.68
N LEU B 60 -11.54 -23.06 28.71
CA LEU B 60 -11.84 -22.60 30.07
C LEU B 60 -11.59 -21.12 30.23
N SER B 61 -10.41 -20.65 29.80
CA SER B 61 -10.10 -19.23 29.88
C SER B 61 -11.09 -18.39 29.06
N GLN B 62 -11.60 -18.97 27.97
CA GLN B 62 -12.65 -18.30 27.21
C GLN B 62 -13.96 -18.24 28.00
N GLU B 63 -14.34 -19.36 28.63
CA GLU B 63 -15.51 -19.36 29.51
C GLU B 63 -15.34 -18.34 30.63
N PHE B 64 -14.16 -18.31 31.24
CA PHE B 64 -13.86 -17.30 32.25
C PHE B 64 -14.25 -15.92 31.75
N ALA B 65 -13.63 -15.51 30.64
CA ALA B 65 -13.74 -14.12 30.21
C ALA B 65 -15.16 -13.75 29.82
N GLU B 66 -15.90 -14.70 29.25
CA GLU B 66 -17.31 -14.45 28.94
C GLU B 66 -18.08 -14.14 30.22
N ALA B 67 -17.96 -15.01 31.23
CA ALA B 67 -18.67 -14.80 32.48
C ALA B 67 -18.30 -13.45 33.12
N TRP B 68 -17.00 -13.21 33.33
CA TRP B 68 -16.56 -11.95 33.94
C TRP B 68 -16.75 -10.77 33.00
N GLY B 69 -16.75 -11.01 31.68
CA GLY B 69 -16.99 -9.92 30.76
C GLY B 69 -18.43 -9.48 30.78
N GLN B 70 -19.35 -10.44 30.69
CA GLN B 70 -20.78 -10.16 30.74
C GLN B 70 -21.16 -9.38 32.00
N LYS B 71 -20.40 -9.53 33.09
CA LYS B 71 -20.64 -8.78 34.32
C LYS B 71 -19.92 -7.42 34.34
N ALA B 72 -18.98 -7.20 33.43
CA ALA B 72 -18.55 -5.83 33.17
C ALA B 72 -19.65 -5.05 32.46
N LYS B 73 -20.42 -5.74 31.62
CA LYS B 73 -21.47 -5.17 30.77
C LYS B 73 -22.80 -5.11 31.51
N GLU B 74 -23.22 -6.25 32.06
CA GLU B 74 -24.37 -6.31 32.96
C GLU B 74 -24.25 -5.35 34.14
N LEU B 75 -23.08 -4.76 34.37
CA LEU B 75 -22.92 -3.87 35.51
C LEU B 75 -22.35 -2.50 35.14
N TYR B 76 -21.41 -2.43 34.20
CA TYR B 76 -20.67 -1.18 34.00
C TYR B 76 -20.57 -0.76 32.53
N PRO B 86 -8.06 6.15 37.04
CA PRO B 86 -7.62 5.70 35.71
C PRO B 86 -7.37 4.20 35.62
N GLN B 87 -6.51 3.69 36.51
CA GLN B 87 -6.07 2.30 36.42
C GLN B 87 -7.25 1.34 36.43
N LEU B 88 -8.37 1.74 37.04
CA LEU B 88 -9.56 0.90 37.02
C LEU B 88 -10.17 0.84 35.63
N ARG B 89 -10.35 2.00 34.97
CA ARG B 89 -10.91 2.02 33.62
C ARG B 89 -10.14 1.10 32.70
N ARG B 90 -8.80 1.10 32.81
CA ARG B 90 -7.99 0.11 32.13
C ARG B 90 -8.61 -1.27 32.25
N ILE B 91 -8.91 -1.68 33.49
CA ILE B 91 -9.21 -3.08 33.77
C ILE B 91 -10.61 -3.46 33.30
N ILE B 92 -11.61 -2.59 33.51
CA ILE B 92 -12.96 -2.96 33.12
C ILE B 92 -13.11 -2.86 31.60
N GLY B 93 -12.60 -1.80 30.99
CA GLY B 93 -12.50 -1.79 29.54
C GLY B 93 -11.86 -3.06 29.02
N ALA B 94 -10.85 -3.57 29.75
CA ALA B 94 -10.20 -4.82 29.38
C ALA B 94 -11.13 -6.02 29.58
N VAL B 95 -11.75 -6.14 30.77
CA VAL B 95 -12.67 -7.25 31.03
C VAL B 95 -13.83 -7.19 30.06
N ARG B 96 -14.20 -5.99 29.63
CA ARG B 96 -15.19 -5.81 28.59
C ARG B 96 -14.80 -6.56 27.32
N THR B 97 -13.50 -6.69 27.06
CA THR B 97 -13.01 -7.20 25.78
C THR B 97 -12.94 -8.72 25.85
N LEU B 98 -13.91 -9.37 25.21
CA LEU B 98 -14.00 -10.83 25.28
C LEU B 98 -13.07 -11.54 24.32
N GLY B 99 -12.54 -10.85 23.31
CA GLY B 99 -11.59 -11.49 22.43
C GLY B 99 -12.18 -12.78 21.92
N SER B 100 -11.36 -13.83 21.90
CA SER B 100 -11.84 -15.12 21.41
C SER B 100 -13.15 -15.55 22.07
N ALA B 101 -13.53 -14.93 23.20
CA ALA B 101 -14.68 -15.39 23.96
C ALA B 101 -16.00 -14.98 23.32
N ASN B 102 -16.02 -13.96 22.46
CA ASN B 102 -17.25 -13.62 21.77
C ASN B 102 -17.68 -14.71 20.79
N LEU B 103 -16.78 -15.62 20.47
CA LEU B 103 -17.12 -16.68 19.54
C LEU B 103 -18.13 -17.66 20.16
N PRO B 104 -19.12 -18.11 19.40
CA PRO B 104 -19.85 -19.29 19.83
C PRO B 104 -18.92 -20.49 20.00
N LEU B 105 -19.28 -21.33 20.97
CA LEU B 105 -18.49 -22.49 21.34
C LEU B 105 -17.89 -23.20 20.13
N ALA B 106 -18.74 -23.50 19.13
CA ALA B 106 -18.23 -24.17 17.94
C ALA B 106 -17.04 -23.42 17.35
N LYS B 107 -17.13 -22.08 17.29
CA LYS B 107 -16.06 -21.27 16.72
C LYS B 107 -14.81 -21.30 17.61
N ARG B 108 -15.00 -21.14 18.93
CA ARG B 108 -13.91 -21.29 19.90
C ARG B 108 -13.17 -22.61 19.70
N GLN B 109 -13.90 -23.70 19.57
CA GLN B 109 -13.25 -24.99 19.40
C GLN B 109 -12.39 -25.03 18.14
N GLN B 110 -12.89 -24.47 17.03
CA GLN B 110 -12.02 -24.43 15.86
C GLN B 110 -10.96 -23.35 15.99
N TYR B 111 -11.23 -22.29 16.76
CA TYR B 111 -10.22 -21.27 16.99
C TYR B 111 -9.01 -21.86 17.71
N ASN B 112 -9.25 -22.56 18.82
CA ASN B 112 -8.15 -23.12 19.60
C ASN B 112 -7.47 -24.26 18.88
N ALA B 113 -8.23 -25.08 18.15
CA ALA B 113 -7.58 -26.13 17.37
C ALA B 113 -6.73 -25.52 16.26
N LEU B 114 -7.12 -24.35 15.76
CA LEU B 114 -6.33 -23.66 14.73
C LEU B 114 -4.99 -23.22 15.29
N LEU B 115 -5.02 -22.49 16.40
CA LEU B 115 -3.79 -22.10 17.09
C LEU B 115 -2.94 -23.31 17.42
N SER B 116 -3.55 -24.37 17.97
CA SER B 116 -2.77 -25.55 18.32
C SER B 116 -2.22 -26.21 17.07
N GLN B 117 -3.02 -26.31 16.01
CA GLN B 117 -2.51 -26.95 14.81
C GLN B 117 -1.48 -26.07 14.09
N MET B 118 -1.69 -24.75 14.09
CA MET B 118 -0.71 -23.88 13.44
C MET B 118 0.61 -23.92 14.19
N SER B 119 0.54 -23.91 15.53
CA SER B 119 1.72 -24.07 16.38
C SER B 119 2.43 -25.39 16.10
N ARG B 120 1.67 -26.50 16.06
CA ARG B 120 2.29 -27.81 15.82
C ARG B 120 2.93 -27.86 14.45
N ILE B 121 2.24 -27.34 13.43
CA ILE B 121 2.80 -27.39 12.08
C ILE B 121 4.13 -26.65 12.05
N TYR B 122 4.15 -25.44 12.59
CA TYR B 122 5.40 -24.68 12.58
C TYR B 122 6.51 -25.45 13.30
N SER B 123 6.23 -25.90 14.52
CA SER B 123 7.29 -26.41 15.38
C SER B 123 7.67 -27.85 15.11
N THR B 124 6.88 -28.59 14.30
CA THR B 124 7.23 -29.94 13.93
C THR B 124 7.65 -30.10 12.48
N ALA B 125 7.61 -29.04 11.67
CA ALA B 125 7.93 -29.18 10.26
C ALA B 125 9.40 -29.55 10.05
N LYS B 126 9.62 -30.42 9.04
CA LYS B 126 10.92 -30.98 8.70
C LYS B 126 11.22 -30.78 7.22
N VAL B 127 12.50 -30.90 6.89
CA VAL B 127 12.98 -30.87 5.50
C VAL B 127 13.81 -32.14 5.26
N CYS B 128 13.51 -32.86 4.18
CA CYS B 128 14.02 -34.21 3.97
C CYS B 128 14.73 -34.37 2.61
N LEU B 129 15.48 -35.48 2.51
CA LEU B 129 16.00 -36.07 1.24
C LEU B 129 17.06 -35.24 0.55
N CYS B 136 15.87 -36.48 8.23
CA CYS B 136 15.15 -35.22 8.00
C CYS B 136 15.63 -34.10 8.95
N TRP B 137 15.72 -32.89 8.41
CA TRP B 137 16.31 -31.74 9.10
C TRP B 137 15.26 -30.91 9.82
N SER B 138 15.53 -30.56 11.07
CA SER B 138 14.67 -29.66 11.83
C SER B 138 15.15 -28.21 11.69
N LEU B 139 14.24 -27.27 11.98
CA LEU B 139 14.59 -25.85 11.86
C LEU B 139 15.72 -25.52 12.82
N ASP B 140 15.60 -25.92 14.06
CA ASP B 140 16.57 -25.63 15.11
C ASP B 140 16.99 -26.98 15.69
N PRO B 141 18.24 -27.41 15.51
CA PRO B 141 19.40 -26.66 15.02
C PRO B 141 19.78 -26.83 13.57
N ASP B 142 19.20 -27.80 12.87
CA ASP B 142 19.81 -28.26 11.62
C ASP B 142 19.80 -27.18 10.54
N LEU B 143 18.61 -26.67 10.19
CA LEU B 143 18.52 -25.66 9.14
C LEU B 143 19.11 -24.32 9.58
N THR B 144 18.95 -23.99 10.86
CA THR B 144 19.61 -22.81 11.40
C THR B 144 21.10 -22.87 11.14
N ASN B 145 21.71 -24.01 11.44
CA ASN B 145 23.17 -24.11 11.32
C ASN B 145 23.60 -24.02 9.87
N ILE B 146 22.83 -24.64 8.96
CA ILE B 146 23.16 -24.52 7.55
C ILE B 146 23.08 -23.07 7.08
N LEU B 147 21.98 -22.39 7.40
CA LEU B 147 21.86 -21.01 6.94
C LEU B 147 22.98 -20.16 7.48
N ALA B 148 23.48 -20.49 8.69
CA ALA B 148 24.53 -19.71 9.32
C ALA B 148 25.90 -20.00 8.74
N SER B 149 26.17 -21.25 8.34
CA SER B 149 27.55 -21.64 8.11
C SER B 149 27.86 -22.10 6.69
N SER B 150 26.89 -22.64 5.96
CA SER B 150 27.15 -23.05 4.59
C SER B 150 27.41 -21.84 3.71
N ARG B 151 28.39 -21.97 2.80
CA ARG B 151 28.59 -21.01 1.72
C ARG B 151 28.39 -21.70 0.37
N SER B 152 27.60 -22.74 0.36
CA SER B 152 27.19 -23.39 -0.88
C SER B 152 25.84 -22.83 -1.30
N TYR B 153 25.83 -22.04 -2.38
CA TYR B 153 24.59 -21.48 -2.89
C TYR B 153 23.48 -22.52 -2.98
N ALA B 154 23.78 -23.70 -3.53
CA ALA B 154 22.70 -24.66 -3.73
C ALA B 154 22.25 -25.30 -2.42
N MET B 155 23.16 -25.47 -1.47
CA MET B 155 22.76 -26.04 -0.18
C MET B 155 21.91 -25.05 0.59
N LEU B 156 22.32 -23.78 0.60
CA LEU B 156 21.52 -22.74 1.22
C LEU B 156 20.15 -22.62 0.55
N LEU B 157 20.11 -22.75 -0.78
CA LEU B 157 18.85 -22.73 -1.50
C LEU B 157 17.95 -23.87 -1.05
N PHE B 158 18.50 -25.07 -1.01
CA PHE B 158 17.71 -26.22 -0.59
C PHE B 158 17.14 -26.04 0.82
N ALA B 159 17.93 -25.49 1.74
CA ALA B 159 17.42 -25.29 3.09
C ALA B 159 16.30 -24.26 3.11
N TRP B 160 16.51 -23.14 2.42
CA TRP B 160 15.53 -22.04 2.41
C TRP B 160 14.21 -22.45 1.77
N GLU B 161 14.28 -23.03 0.56
CA GLU B 161 13.07 -23.47 -0.10
C GLU B 161 12.39 -24.58 0.68
N GLY B 162 13.18 -25.55 1.15
CA GLY B 162 12.59 -26.64 1.89
C GLY B 162 11.80 -26.17 3.09
N TRP B 163 12.39 -25.26 3.89
CA TRP B 163 11.71 -24.75 5.07
C TRP B 163 10.47 -23.95 4.69
N HIS B 164 10.60 -23.05 3.73
CA HIS B 164 9.46 -22.21 3.41
C HIS B 164 8.31 -23.03 2.85
N ASN B 165 8.62 -24.03 2.02
CA ASN B 165 7.58 -24.92 1.52
C ASN B 165 6.95 -25.75 2.63
N ALA B 166 7.79 -26.37 3.48
CA ALA B 166 7.29 -27.29 4.50
C ALA B 166 6.43 -26.61 5.56
N ALA B 167 6.80 -25.40 6.00
CA ALA B 167 6.01 -24.75 7.03
C ALA B 167 4.86 -23.92 6.48
N GLY B 168 5.09 -23.18 5.39
CA GLY B 168 4.11 -22.23 4.90
C GLY B 168 2.91 -22.84 4.20
N ILE B 169 3.16 -23.68 3.19
CA ILE B 169 2.05 -24.20 2.37
C ILE B 169 0.94 -24.79 3.25
N PRO B 170 1.21 -25.73 4.15
CA PRO B 170 0.12 -26.29 4.95
C PRO B 170 -0.53 -25.32 5.91
N LEU B 171 0.12 -24.21 6.27
CA LEU B 171 -0.47 -23.28 7.22
C LEU B 171 -1.53 -22.38 6.61
N LYS B 172 -1.46 -22.12 5.31
CA LYS B 172 -2.28 -21.06 4.72
C LYS B 172 -3.76 -21.27 4.97
N PRO B 173 -4.37 -22.42 4.61
CA PRO B 173 -5.81 -22.59 4.87
C PRO B 173 -6.20 -22.25 6.31
N LEU B 174 -5.36 -22.67 7.28
CA LEU B 174 -5.66 -22.43 8.69
C LEU B 174 -5.51 -20.96 9.04
N TYR B 175 -4.45 -20.31 8.54
CA TYR B 175 -4.29 -18.90 8.83
C TYR B 175 -5.48 -18.11 8.31
N GLU B 176 -6.01 -18.49 7.13
N GLU B 176 -6.01 -18.48 7.14
CA GLU B 176 -7.18 -17.82 6.59
CA GLU B 176 -7.18 -17.76 6.64
C GLU B 176 -8.35 -17.92 7.57
C GLU B 176 -8.36 -17.91 7.61
N ASP B 177 -8.65 -19.15 8.02
CA ASP B 177 -9.72 -19.35 8.98
C ASP B 177 -9.42 -18.63 10.28
N PHE B 178 -8.15 -18.66 10.74
CA PHE B 178 -7.82 -17.97 11.99
C PHE B 178 -8.11 -16.48 11.89
N THR B 179 -7.72 -15.85 10.77
CA THR B 179 -7.88 -14.40 10.65
C THR B 179 -9.36 -14.00 10.71
N ALA B 180 -10.22 -14.78 10.05
CA ALA B 180 -11.64 -14.49 10.10
C ALA B 180 -12.18 -14.60 11.52
N LEU B 181 -12.01 -15.78 12.14
CA LEU B 181 -12.50 -15.95 13.51
C LEU B 181 -11.97 -14.86 14.40
N SER B 182 -10.69 -14.51 14.25
CA SER B 182 -10.10 -13.51 15.15
C SER B 182 -10.68 -12.13 14.91
N ASN B 183 -10.88 -11.76 13.65
CA ASN B 183 -11.57 -10.51 13.34
C ASN B 183 -13.02 -10.55 13.84
N GLU B 184 -13.73 -11.67 13.58
CA GLU B 184 -15.08 -11.83 14.14
C GLU B 184 -15.09 -11.52 15.63
N ALA B 185 -14.07 -11.98 16.37
CA ALA B 185 -14.08 -11.88 17.83
C ALA B 185 -13.85 -10.45 18.33
N TYR B 186 -12.84 -9.75 17.80
CA TYR B 186 -12.52 -8.42 18.31
C TYR B 186 -13.38 -7.34 17.69
N LYS B 187 -14.01 -7.63 16.56
CA LYS B 187 -15.04 -6.74 16.05
C LYS B 187 -16.06 -6.48 17.16
N GLN B 188 -16.57 -7.55 17.77
CA GLN B 188 -17.59 -7.43 18.80
C GLN B 188 -17.13 -6.59 19.97
N ASP B 189 -15.84 -6.44 20.20
CA ASP B 189 -15.35 -5.65 21.33
C ASP B 189 -15.07 -4.20 20.97
N GLY B 190 -15.39 -3.79 19.74
CA GLY B 190 -15.30 -2.39 19.36
C GLY B 190 -14.07 -1.98 18.58
N PHE B 191 -13.40 -2.91 17.91
CA PHE B 191 -12.22 -2.59 17.10
C PHE B 191 -12.52 -2.88 15.64
N THR B 192 -12.08 -1.97 14.78
CA THR B 192 -12.27 -2.19 13.35
C THR B 192 -11.73 -3.55 12.93
N ASP B 193 -10.55 -3.94 13.43
CA ASP B 193 -10.00 -5.26 13.15
C ASP B 193 -8.95 -5.60 14.21
N THR B 194 -8.53 -6.86 14.23
CA THR B 194 -7.57 -7.30 15.23
C THR B 194 -6.31 -6.43 15.24
N GLY B 195 -5.83 -6.02 14.06
CA GLY B 195 -4.66 -5.14 14.00
C GLY B 195 -4.86 -3.85 14.78
N ALA B 196 -6.07 -3.29 14.72
CA ALA B 196 -6.35 -2.09 15.50
C ALA B 196 -6.29 -2.39 16.98
N TYR B 197 -6.75 -3.58 17.40
CA TYR B 197 -6.60 -3.98 18.79
C TYR B 197 -5.12 -4.06 19.18
N TRP B 198 -4.33 -4.84 18.42
CA TRP B 198 -2.90 -4.95 18.71
C TRP B 198 -2.23 -3.57 18.78
N ARG B 199 -2.56 -2.67 17.85
CA ARG B 199 -1.93 -1.34 17.89
C ARG B 199 -2.39 -0.51 19.10
N SER B 200 -3.56 -0.80 19.66
CA SER B 200 -4.06 0.05 20.74
C SER B 200 -3.15 0.03 21.95
N TRP B 201 -2.45 -1.09 22.17
CA TRP B 201 -1.53 -1.20 23.31
C TRP B 201 -0.52 -0.07 23.40
N TYR B 202 -0.30 0.69 22.32
CA TYR B 202 0.73 1.71 22.38
C TYR B 202 0.20 3.07 22.81
N ASN B 203 -1.11 3.26 22.85
CA ASN B 203 -1.71 4.49 23.37
C ASN B 203 -1.09 5.71 22.73
N SER B 204 -1.00 5.65 21.41
CA SER B 204 -0.60 6.78 20.59
C SER B 204 -1.61 6.83 19.45
N PRO B 205 -2.23 7.98 19.19
CA PRO B 205 -3.09 8.09 18.01
C PRO B 205 -2.31 8.21 16.72
N THR B 206 -1.02 8.53 16.82
CA THR B 206 -0.14 8.75 15.68
C THR B 206 0.93 7.66 15.56
N PHE B 207 0.61 6.44 16.00
CA PHE B 207 1.60 5.35 16.01
C PHE B 207 2.21 5.14 14.63
N GLU B 208 1.37 4.89 13.62
CA GLU B 208 1.88 4.51 12.30
C GLU B 208 2.70 5.63 11.68
N ASP B 209 2.22 6.87 11.76
CA ASP B 209 3.02 8.00 11.25
C ASP B 209 4.35 8.10 11.99
N ASP B 210 4.34 7.96 13.32
CA ASP B 210 5.59 8.12 14.07
C ASP B 210 6.57 7.01 13.72
N LEU B 211 6.07 5.80 13.49
CA LEU B 211 6.93 4.70 13.04
C LEU B 211 7.54 5.02 11.68
N GLU B 212 6.71 5.46 10.73
CA GLU B 212 7.19 5.84 9.41
C GLU B 212 8.25 6.93 9.48
N HIS B 213 8.08 7.91 10.37
CA HIS B 213 9.09 8.95 10.50
C HIS B 213 10.37 8.39 11.09
N LEU B 214 10.27 7.47 12.05
CA LEU B 214 11.47 6.81 12.55
C LEU B 214 12.16 6.04 11.43
N TYR B 215 11.39 5.26 10.65
CA TYR B 215 12.04 4.48 9.60
C TYR B 215 12.73 5.40 8.59
N GLN B 216 12.15 6.56 8.29
CA GLN B 216 12.78 7.47 7.35
C GLN B 216 14.19 7.86 7.80
N GLN B 217 14.39 8.07 9.10
CA GLN B 217 15.71 8.46 9.57
C GLN B 217 16.70 7.30 9.50
N LEU B 218 16.21 6.07 9.66
CA LEU B 218 17.06 4.89 9.72
C LEU B 218 17.38 4.32 8.35
N GLU B 219 16.52 4.52 7.34
CA GLU B 219 16.69 3.83 6.07
C GLU B 219 18.05 4.06 5.41
N PRO B 220 18.64 5.26 5.43
CA PRO B 220 19.96 5.42 4.80
C PRO B 220 21.02 4.53 5.40
N LEU B 221 20.97 4.32 6.72
CA LEU B 221 21.89 3.38 7.36
C LEU B 221 21.72 1.99 6.78
N TYR B 222 20.47 1.54 6.63
CA TYR B 222 20.24 0.22 6.03
C TYR B 222 20.70 0.18 4.59
N LEU B 223 20.37 1.20 3.80
CA LEU B 223 20.71 1.14 2.38
C LEU B 223 22.22 1.02 2.16
N ASN B 224 23.00 1.72 2.97
CA ASN B 224 24.45 1.63 2.84
C ASN B 224 24.95 0.29 3.33
N LEU B 225 24.48 -0.16 4.49
CA LEU B 225 24.89 -1.50 4.92
C LEU B 225 24.55 -2.51 3.85
N HIS B 226 23.35 -2.41 3.27
CA HIS B 226 22.89 -3.35 2.24
C HIS B 226 23.82 -3.36 1.02
N ALA B 227 24.14 -2.19 0.48
CA ALA B 227 24.99 -2.16 -0.72
C ALA B 227 26.39 -2.69 -0.40
N PHE B 228 26.94 -2.28 0.73
CA PHE B 228 28.24 -2.78 1.17
C PHE B 228 28.24 -4.30 1.27
N VAL B 229 27.20 -4.87 1.89
CA VAL B 229 27.14 -6.31 2.03
C VAL B 229 26.86 -6.99 0.69
N ARG B 230 26.02 -6.39 -0.16
CA ARG B 230 25.79 -6.97 -1.47
C ARG B 230 27.08 -7.01 -2.29
N ARG B 231 27.93 -5.99 -2.18
CA ARG B 231 29.22 -6.04 -2.87
C ARG B 231 29.98 -7.30 -2.46
N ALA B 232 30.09 -7.52 -1.15
CA ALA B 232 30.84 -8.67 -0.64
C ALA B 232 30.24 -9.99 -1.08
N LEU B 233 28.91 -10.09 -1.14
CA LEU B 233 28.31 -11.33 -1.67
C LEU B 233 28.59 -11.50 -3.14
N HIS B 234 28.80 -10.40 -3.87
CA HIS B 234 29.21 -10.50 -5.26
C HIS B 234 30.62 -11.03 -5.36
N ARG B 235 31.54 -10.50 -4.54
CA ARG B 235 32.88 -11.07 -4.48
C ARG B 235 32.81 -12.58 -4.24
N ARG B 236 31.96 -13.01 -3.31
CA ARG B 236 31.86 -14.43 -2.97
C ARG B 236 31.11 -15.25 -4.02
N TYR B 237 29.93 -14.82 -4.44
CA TYR B 237 29.10 -15.62 -5.35
C TYR B 237 29.16 -15.13 -6.79
N GLY B 238 29.79 -13.98 -7.03
CA GLY B 238 29.95 -13.53 -8.40
C GLY B 238 28.66 -13.18 -9.10
N ASP B 239 28.81 -12.75 -10.37
CA ASP B 239 27.80 -11.94 -11.02
C ASP B 239 26.55 -12.72 -11.45
N ARG B 240 26.63 -14.04 -11.53
CA ARG B 240 25.46 -14.80 -11.96
C ARG B 240 24.38 -14.84 -10.88
N TYR B 241 24.77 -14.72 -9.62
CA TYR B 241 23.86 -14.92 -8.51
C TYR B 241 23.55 -13.64 -7.76
N ILE B 242 24.23 -12.55 -8.07
CA ILE B 242 24.16 -11.32 -7.29
C ILE B 242 24.12 -10.17 -8.27
N ASN B 243 23.03 -9.43 -8.27
CA ASN B 243 22.83 -8.29 -9.13
C ASN B 243 23.18 -7.04 -8.35
N LEU B 244 24.27 -6.37 -8.74
CA LEU B 244 24.75 -5.24 -7.95
C LEU B 244 23.77 -4.08 -7.92
N ARG B 245 22.69 -4.17 -8.69
CA ARG B 245 21.66 -3.15 -8.68
C ARG B 245 20.28 -3.76 -8.42
N GLY B 246 20.23 -5.02 -7.98
CA GLY B 246 18.98 -5.69 -7.67
C GLY B 246 18.92 -6.19 -6.23
N PRO B 247 17.81 -6.82 -5.86
CA PRO B 247 17.67 -7.32 -4.49
C PRO B 247 18.62 -8.48 -4.23
N ILE B 248 19.00 -8.64 -2.97
CA ILE B 248 19.86 -9.77 -2.57
C ILE B 248 18.98 -11.02 -2.45
N PRO B 249 19.39 -12.16 -3.02
CA PRO B 249 18.63 -13.39 -2.76
C PRO B 249 18.54 -13.69 -1.26
N ALA B 250 17.33 -14.10 -0.84
CA ALA B 250 16.91 -14.05 0.56
C ALA B 250 17.58 -15.09 1.44
N HIS B 251 18.35 -16.01 0.86
CA HIS B 251 18.93 -17.15 1.55
C HIS B 251 20.42 -16.99 1.83
N LEU B 252 21.02 -15.85 1.48
CA LEU B 252 22.47 -15.68 1.49
C LEU B 252 23.00 -14.84 2.66
N LEU B 253 22.15 -14.49 3.62
CA LEU B 253 22.52 -13.52 4.62
C LEU B 253 22.71 -14.12 6.01
N GLY B 254 22.74 -15.43 6.12
CA GLY B 254 23.15 -16.09 7.35
C GLY B 254 22.02 -16.56 8.23
N ASP B 255 20.78 -16.23 7.86
CA ASP B 255 19.60 -16.36 8.71
C ASP B 255 18.44 -16.70 7.80
N MET B 256 17.57 -17.59 8.28
CA MET B 256 16.49 -18.12 7.44
C MET B 256 15.56 -17.02 6.94
N TRP B 257 15.43 -15.93 7.72
CA TRP B 257 14.56 -14.80 7.40
C TRP B 257 15.34 -13.58 6.96
N ALA B 258 16.64 -13.70 6.81
CA ALA B 258 17.51 -12.56 6.46
C ALA B 258 17.32 -11.41 7.44
N GLN B 259 16.92 -11.73 8.68
CA GLN B 259 16.57 -10.69 9.65
C GLN B 259 17.75 -10.20 10.47
N THR B 260 18.81 -10.99 10.55
CA THR B 260 20.08 -10.58 11.12
C THR B 260 21.18 -11.21 10.29
N TRP B 261 22.25 -10.44 10.06
CA TRP B 261 23.28 -10.81 9.12
C TRP B 261 24.57 -11.17 9.83
N SER B 262 24.54 -11.28 11.16
CA SER B 262 25.74 -11.54 11.97
C SER B 262 26.59 -12.67 11.40
N ASN B 263 25.98 -13.67 10.80
CA ASN B 263 26.71 -14.89 10.47
C ASN B 263 27.56 -14.77 9.21
N ILE B 264 27.46 -13.69 8.45
CA ILE B 264 28.37 -13.49 7.33
C ILE B 264 29.40 -12.41 7.65
N TYR B 265 29.62 -12.12 8.94
CA TYR B 265 30.60 -11.10 9.33
C TYR B 265 31.95 -11.37 8.70
N ASP B 266 32.36 -12.64 8.69
CA ASP B 266 33.71 -12.94 8.23
C ASP B 266 33.90 -12.53 6.78
N MET B 267 32.82 -12.46 6.00
CA MET B 267 32.94 -12.03 4.61
C MET B 267 32.85 -10.54 4.42
N VAL B 268 32.75 -9.74 5.48
CA VAL B 268 32.53 -8.32 5.28
C VAL B 268 33.41 -7.47 6.19
N VAL B 269 34.34 -8.09 6.92
CA VAL B 269 35.14 -7.33 7.89
C VAL B 269 35.78 -6.12 7.21
N PRO B 270 35.57 -4.90 7.73
CA PRO B 270 36.22 -3.71 7.13
C PRO B 270 37.74 -3.71 7.18
N PHE B 271 38.33 -4.25 8.26
CA PHE B 271 39.79 -4.29 8.44
C PHE B 271 40.13 -5.71 8.88
N PRO B 272 40.27 -6.65 7.92
CA PRO B 272 40.00 -8.09 8.18
C PRO B 272 40.96 -8.93 9.04
N ASP B 273 42.23 -8.56 9.20
CA ASP B 273 43.26 -9.40 9.86
C ASP B 273 43.17 -9.42 11.38
N LYS B 274 42.36 -8.56 11.95
CA LYS B 274 42.36 -8.17 13.35
C LYS B 274 41.68 -9.27 14.18
N PRO B 275 41.49 -9.08 15.50
CA PRO B 275 40.91 -10.19 16.30
C PRO B 275 39.60 -10.72 15.74
N ASN B 276 39.50 -12.05 15.67
CA ASN B 276 38.23 -12.69 15.28
C ASN B 276 37.16 -12.31 16.30
N LEU B 277 36.32 -11.33 15.96
CA LEU B 277 35.25 -10.92 16.85
C LEU B 277 34.14 -11.97 16.97
N ASP B 278 34.11 -12.96 16.08
CA ASP B 278 33.28 -14.14 16.34
C ASP B 278 33.95 -14.96 17.44
N VAL B 279 33.56 -14.71 18.69
CA VAL B 279 34.13 -15.41 19.84
C VAL B 279 33.44 -16.75 20.02
N THR B 280 32.60 -17.14 19.06
CA THR B 280 31.98 -18.45 19.18
C THR B 280 33.05 -19.53 19.26
N SER B 281 34.10 -19.40 18.46
CA SER B 281 35.18 -20.38 18.47
C SER B 281 35.83 -20.47 19.84
N THR B 282 36.10 -19.32 20.45
CA THR B 282 36.64 -19.31 21.81
C THR B 282 35.66 -19.96 22.80
N MET B 283 34.36 -19.71 22.64
CA MET B 283 33.39 -20.30 23.57
C MET B 283 33.44 -21.83 23.50
N LEU B 284 33.55 -22.40 22.30
CA LEU B 284 33.60 -23.86 22.17
C LEU B 284 34.95 -24.38 22.67
N GLN B 285 36.02 -23.68 22.30
CA GLN B 285 37.36 -24.00 22.80
C GLN B 285 37.34 -24.15 24.31
N GLN B 286 36.76 -23.17 25.02
CA GLN B 286 36.71 -23.17 26.48
C GLN B 286 35.64 -24.08 27.07
N GLY B 287 34.80 -24.72 26.25
CA GLY B 287 33.85 -25.65 26.83
C GLY B 287 32.56 -25.06 27.36
N TRP B 288 32.17 -23.87 26.91
CA TRP B 288 30.92 -23.28 27.39
C TRP B 288 29.75 -24.21 27.09
N GLN B 289 28.79 -24.26 28.02
CA GLN B 289 27.51 -24.95 27.83
C GLN B 289 26.38 -23.98 28.13
N ALA B 290 25.16 -24.40 27.82
CA ALA B 290 24.00 -23.53 28.04
C ALA B 290 23.96 -23.00 29.47
N THR B 291 24.16 -23.87 30.46
CA THR B 291 23.99 -23.44 31.84
C THR B 291 24.96 -22.30 32.19
N HIS B 292 26.18 -22.36 31.66
CA HIS B 292 27.16 -21.30 31.92
C HIS B 292 26.75 -20.00 31.26
N MET B 293 26.19 -20.08 30.05
CA MET B 293 25.71 -18.88 29.37
C MET B 293 24.66 -18.17 30.20
N PHE B 294 23.75 -18.93 30.80
CA PHE B 294 22.70 -18.31 31.62
C PHE B 294 23.28 -17.75 32.92
N ARG B 295 24.28 -18.42 33.51
CA ARG B 295 24.90 -17.93 34.74
C ARG B 295 25.69 -16.65 34.49
N VAL B 296 26.34 -16.57 33.34
CA VAL B 296 27.08 -15.37 32.98
C VAL B 296 26.13 -14.21 32.74
N ALA B 297 25.03 -14.47 32.05
CA ALA B 297 24.00 -13.45 31.90
C ALA B 297 23.47 -13.02 33.28
N GLU B 298 23.21 -13.99 34.15
CA GLU B 298 22.61 -13.67 35.44
C GLU B 298 23.50 -12.72 36.21
N GLU B 299 24.81 -12.98 36.18
CA GLU B 299 25.74 -12.22 36.99
C GLU B 299 25.87 -10.79 36.47
N PHE B 300 25.62 -10.56 35.17
CA PHE B 300 25.55 -9.17 34.73
C PHE B 300 24.39 -8.46 35.41
N PHE B 301 23.23 -9.13 35.49
CA PHE B 301 22.08 -8.53 36.17
C PHE B 301 22.37 -8.25 37.63
N THR B 302 22.98 -9.23 38.32
CA THR B 302 23.24 -9.06 39.74
C THR B 302 24.37 -8.08 39.95
N SER B 303 25.26 -7.91 38.96
CA SER B 303 26.26 -6.86 39.04
C SER B 303 25.62 -5.47 39.14
N LEU B 304 24.36 -5.34 38.72
CA LEU B 304 23.61 -4.11 38.76
C LEU B 304 22.69 -4.03 39.96
N GLU B 305 22.77 -5.01 40.86
CA GLU B 305 21.85 -5.15 41.98
C GLU B 305 20.42 -5.42 41.53
N LEU B 306 20.28 -6.07 40.39
CA LEU B 306 19.01 -6.65 40.02
C LEU B 306 18.96 -8.07 40.58
N SER B 307 17.81 -8.71 40.46
CA SER B 307 17.61 -9.96 41.16
C SER B 307 18.25 -11.12 40.42
N PRO B 308 18.85 -12.07 41.14
CA PRO B 308 19.25 -13.34 40.53
C PRO B 308 18.03 -14.14 40.13
N MET B 309 18.28 -15.17 39.36
CA MET B 309 17.21 -16.10 39.00
C MET B 309 16.86 -16.96 40.21
N PRO B 310 15.59 -17.10 40.57
CA PRO B 310 15.24 -17.87 41.77
C PRO B 310 15.38 -19.36 41.54
N PRO B 311 15.36 -20.15 42.62
CA PRO B 311 15.47 -21.61 42.47
C PRO B 311 14.48 -22.19 41.49
N GLU B 312 13.23 -21.70 41.51
CA GLU B 312 12.20 -22.25 40.65
C GLU B 312 12.53 -22.05 39.18
N PHE B 313 13.28 -20.99 38.86
CA PHE B 313 13.75 -20.79 37.49
C PHE B 313 14.71 -21.89 37.07
N TRP B 314 15.70 -22.20 37.93
CA TRP B 314 16.67 -23.22 37.57
C TRP B 314 16.04 -24.60 37.56
N GLU B 315 15.12 -24.85 38.50
CA GLU B 315 14.55 -26.19 38.59
C GLU B 315 13.58 -26.46 37.46
N GLY B 316 12.89 -25.44 36.96
CA GLY B 316 11.84 -25.65 35.97
C GLY B 316 12.16 -25.34 34.52
N SER B 317 13.19 -24.53 34.26
CA SER B 317 13.45 -24.10 32.89
C SER B 317 13.97 -25.24 32.02
N MET B 318 13.77 -25.09 30.72
CA MET B 318 14.35 -25.98 29.72
C MET B 318 15.38 -25.16 28.96
N LEU B 319 16.67 -25.37 29.26
CA LEU B 319 17.73 -24.54 28.70
C LEU B 319 18.45 -25.22 27.53
N GLU B 320 18.08 -26.43 27.18
CA GLU B 320 18.63 -27.12 26.03
C GLU B 320 17.50 -27.88 25.36
N LYS B 321 17.71 -28.22 24.11
CA LYS B 321 16.71 -29.05 23.41
C LYS B 321 16.78 -30.49 23.93
N PRO B 322 15.67 -31.07 24.39
CA PRO B 322 15.74 -32.42 24.95
C PRO B 322 16.27 -33.43 23.94
N ALA B 323 16.99 -34.43 24.46
CA ALA B 323 17.46 -35.54 23.65
C ALA B 323 16.60 -36.79 23.79
N ASP B 324 15.58 -36.77 24.66
CA ASP B 324 14.71 -37.92 24.85
C ASP B 324 13.72 -38.11 23.71
N GLY B 325 14.03 -37.59 22.52
CA GLY B 325 13.14 -37.70 21.38
C GLY B 325 11.87 -36.88 21.46
N ARG B 326 11.61 -36.19 22.58
CA ARG B 326 10.45 -35.30 22.64
C ARG B 326 10.44 -34.34 21.46
N GLU B 327 9.25 -33.88 21.11
CA GLU B 327 9.10 -32.74 20.21
C GLU B 327 8.79 -31.53 21.05
N VAL B 328 9.52 -30.44 20.82
CA VAL B 328 9.33 -29.20 21.55
C VAL B 328 9.22 -28.06 20.55
N VAL B 329 8.63 -26.98 21.02
CA VAL B 329 8.72 -25.67 20.37
C VAL B 329 10.09 -25.09 20.72
N CYS B 330 10.98 -25.03 19.74
CA CYS B 330 12.32 -24.54 20.07
C CYS B 330 12.41 -23.02 20.11
N HIS B 331 11.48 -22.30 19.50
CA HIS B 331 11.62 -20.84 19.48
C HIS B 331 11.68 -20.33 20.91
N ALA B 332 12.69 -19.50 21.18
CA ALA B 332 12.95 -19.07 22.55
C ALA B 332 11.78 -18.32 23.17
N SER B 333 11.58 -18.50 24.48
CA SER B 333 10.53 -17.75 25.15
C SER B 333 10.78 -17.71 26.65
N ALA B 334 10.21 -16.68 27.28
CA ALA B 334 10.30 -16.44 28.71
C ALA B 334 8.88 -16.42 29.27
N TRP B 335 8.68 -17.15 30.38
CA TRP B 335 7.36 -17.52 30.88
C TRP B 335 7.14 -16.98 32.28
N ASP B 336 6.02 -16.26 32.44
CA ASP B 336 5.49 -15.87 33.75
C ASP B 336 4.26 -16.74 34.02
N PHE B 337 4.33 -17.57 35.07
CA PHE B 337 3.21 -18.45 35.40
C PHE B 337 2.13 -17.78 36.27
N TYR B 338 2.29 -16.49 36.61
CA TYR B 338 1.28 -15.69 37.33
C TYR B 338 0.90 -16.29 38.69
N ASN B 339 1.84 -17.00 39.31
CA ASN B 339 1.71 -17.45 40.69
C ASN B 339 2.82 -16.86 41.54
N ARG B 340 3.51 -15.85 41.04
CA ARG B 340 4.52 -15.08 41.76
C ARG B 340 5.73 -15.92 42.20
N LYS B 341 5.85 -17.17 41.74
CA LYS B 341 7.00 -17.98 42.12
C LYS B 341 7.63 -18.71 40.94
N ASP B 342 6.83 -19.09 39.94
CA ASP B 342 7.32 -19.86 38.82
C ASP B 342 7.63 -18.92 37.65
N PHE B 343 8.90 -18.90 37.23
CA PHE B 343 9.36 -18.15 36.07
C PHE B 343 10.36 -19.01 35.34
N ARG B 344 10.20 -19.17 34.02
CA ARG B 344 11.03 -20.08 33.25
C ARG B 344 11.41 -19.51 31.90
N ILE B 345 12.55 -19.99 31.39
CA ILE B 345 12.93 -19.84 30.00
C ILE B 345 12.91 -21.21 29.33
N LYS B 346 12.46 -21.21 28.08
CA LYS B 346 12.45 -22.40 27.23
C LYS B 346 13.25 -22.03 25.98
N GLN B 347 14.49 -22.54 25.88
CA GLN B 347 15.38 -22.12 24.80
C GLN B 347 16.19 -23.32 24.38
N CYS B 348 16.16 -23.63 23.06
CA CYS B 348 16.99 -24.71 22.55
C CYS B 348 18.40 -24.14 22.36
N THR B 349 19.03 -23.79 23.49
CA THR B 349 20.27 -23.03 23.48
C THR B 349 21.37 -23.75 22.73
N ARG B 350 22.06 -23.02 21.85
CA ARG B 350 23.30 -23.43 21.22
C ARG B 350 24.45 -22.53 21.67
N VAL B 351 25.68 -23.04 21.56
CA VAL B 351 26.86 -22.37 22.10
C VAL B 351 27.44 -21.47 21.01
N THR B 352 26.90 -20.25 20.91
CA THR B 352 27.37 -19.23 19.99
C THR B 352 27.28 -17.87 20.69
N MET B 353 27.97 -16.88 20.13
CA MET B 353 27.89 -15.52 20.65
C MET B 353 26.48 -14.95 20.48
N GLU B 354 25.86 -15.24 19.34
CA GLU B 354 24.51 -14.75 19.06
C GLU B 354 23.50 -15.34 20.03
N GLN B 355 23.67 -16.62 20.37
CA GLN B 355 22.82 -17.26 21.36
C GLN B 355 23.06 -16.67 22.74
N LEU B 356 24.30 -16.31 23.07
CA LEU B 356 24.54 -15.63 24.34
C LEU B 356 23.73 -14.35 24.42
N VAL B 357 23.64 -13.63 23.30
CA VAL B 357 22.78 -12.44 23.27
C VAL B 357 21.32 -12.82 23.49
N VAL B 358 20.85 -13.88 22.82
CA VAL B 358 19.48 -14.34 23.02
C VAL B 358 19.25 -14.72 24.48
N VAL B 359 20.21 -15.39 25.10
CA VAL B 359 20.10 -15.70 26.53
C VAL B 359 19.86 -14.43 27.35
N HIS B 360 20.61 -13.34 27.06
CA HIS B 360 20.36 -12.08 27.75
C HIS B 360 18.96 -11.54 27.43
N HIS B 361 18.56 -11.61 26.17
CA HIS B 361 17.22 -11.16 25.78
C HIS B 361 16.14 -11.85 26.61
N GLU B 362 16.17 -13.18 26.67
CA GLU B 362 15.18 -13.92 27.46
C GLU B 362 15.25 -13.56 28.94
N MET B 363 16.45 -13.45 29.49
CA MET B 363 16.57 -13.17 30.91
C MET B 363 16.10 -11.76 31.22
N GLY B 364 16.19 -10.85 30.24
CA GLY B 364 15.58 -9.55 30.39
C GLY B 364 14.08 -9.62 30.60
N HIS B 365 13.39 -10.51 29.88
CA HIS B 365 11.96 -10.73 30.16
C HIS B 365 11.76 -11.23 31.59
N ILE B 366 12.57 -12.21 32.01
CA ILE B 366 12.41 -12.79 33.34
C ILE B 366 12.59 -11.71 34.39
N GLN B 367 13.66 -10.91 34.25
CA GLN B 367 13.96 -9.88 35.23
C GLN B 367 12.78 -8.93 35.40
N TYR B 368 12.16 -8.53 34.28
CA TYR B 368 10.92 -7.77 34.34
C TYR B 368 9.88 -8.51 35.18
N PHE B 369 9.62 -9.79 34.87
CA PHE B 369 8.68 -10.59 35.64
C PHE B 369 8.97 -10.53 37.13
N LEU B 370 10.25 -10.60 37.50
CA LEU B 370 10.63 -10.62 38.90
C LEU B 370 10.33 -9.29 39.57
N GLN B 371 10.62 -8.18 38.89
CA GLN B 371 10.52 -6.87 39.49
C GLN B 371 9.08 -6.37 39.62
N TYR B 372 8.11 -7.00 38.96
CA TYR B 372 6.72 -6.57 39.12
C TYR B 372 5.80 -7.70 39.57
N LYS B 373 6.34 -8.78 40.14
CA LYS B 373 5.51 -9.93 40.48
C LYS B 373 4.47 -9.61 41.55
N ASP B 374 4.68 -8.56 42.33
CA ASP B 374 3.82 -8.23 43.44
C ASP B 374 2.68 -7.30 43.04
N LEU B 375 2.69 -6.80 41.80
CA LEU B 375 1.62 -5.96 41.31
C LEU B 375 0.37 -6.79 41.01
N PRO B 376 -0.79 -6.14 41.01
CA PRO B 376 -2.00 -6.80 40.51
C PRO B 376 -1.84 -7.20 39.04
N VAL B 377 -2.27 -8.42 38.72
CA VAL B 377 -2.01 -9.07 37.44
C VAL B 377 -2.05 -8.09 36.28
N SER B 378 -3.09 -7.27 36.21
CA SER B 378 -3.32 -6.42 35.05
C SER B 378 -2.24 -5.36 34.86
N LEU B 379 -1.38 -5.12 35.86
CA LEU B 379 -0.23 -4.26 35.68
C LEU B 379 1.06 -5.05 35.46
N ARG B 380 1.01 -6.38 35.50
CA ARG B 380 2.20 -7.21 35.29
C ARG B 380 2.47 -7.37 33.79
N GLU B 381 2.77 -6.22 33.19
CA GLU B 381 2.99 -6.07 31.77
C GLU B 381 4.15 -5.12 31.64
N GLY B 382 4.80 -5.11 30.48
CA GLY B 382 5.71 -4.03 30.20
C GLY B 382 4.96 -2.72 30.04
N ALA B 383 5.69 -1.62 30.20
CA ALA B 383 5.09 -0.30 30.00
C ALA B 383 4.41 -0.24 28.64
N ASN B 384 5.13 -0.67 27.59
CA ASN B 384 4.51 -1.20 26.38
C ASN B 384 5.30 -2.47 26.02
N PRO B 385 4.88 -3.22 24.99
CA PRO B 385 5.59 -4.47 24.69
C PRO B 385 7.02 -4.26 24.21
N GLY B 386 7.31 -3.13 23.54
CA GLY B 386 8.67 -2.82 23.16
C GLY B 386 9.61 -2.67 24.33
N PHE B 387 9.10 -2.16 25.46
CA PHE B 387 9.91 -2.10 26.68
C PHE B 387 10.39 -3.49 27.08
N HIS B 388 9.47 -4.45 27.11
CA HIS B 388 9.82 -5.81 27.51
C HIS B 388 10.89 -6.39 26.60
N GLU B 389 10.77 -6.16 25.28
CA GLU B 389 11.73 -6.69 24.31
C GLU B 389 13.09 -6.00 24.40
N ALA B 390 13.17 -4.81 25.00
CA ALA B 390 14.42 -4.07 25.00
C ALA B 390 15.32 -4.37 26.19
N ILE B 391 14.79 -4.93 27.28
CA ILE B 391 15.53 -4.91 28.55
C ILE B 391 16.84 -5.67 28.42
N GLY B 392 16.75 -6.92 27.97
CA GLY B 392 17.95 -7.76 27.87
C GLY B 392 18.90 -7.32 26.77
N ASP B 393 18.36 -6.80 25.65
CA ASP B 393 19.18 -6.26 24.58
C ASP B 393 20.06 -5.12 25.07
N VAL B 394 19.53 -4.27 25.96
CA VAL B 394 20.31 -3.16 26.50
C VAL B 394 21.54 -3.68 27.22
N LEU B 395 21.35 -4.65 28.12
CA LEU B 395 22.49 -5.20 28.82
C LEU B 395 23.47 -5.85 27.86
N ALA B 396 22.96 -6.57 26.84
CA ALA B 396 23.86 -7.25 25.92
C ALA B 396 24.67 -6.28 25.10
N LEU B 397 24.17 -5.06 24.89
CA LEU B 397 25.01 -4.04 24.25
C LEU B 397 26.31 -3.85 25.04
N SER B 398 26.21 -3.82 26.37
CA SER B 398 27.43 -3.70 27.19
C SER B 398 28.25 -4.97 27.10
N VAL B 399 27.60 -6.14 27.11
CA VAL B 399 28.32 -7.40 27.09
C VAL B 399 29.12 -7.55 25.80
N SER B 400 28.61 -7.03 24.69
N SER B 400 28.60 -7.01 24.70
CA SER B 400 29.23 -7.28 23.40
CA SER B 400 29.18 -7.23 23.38
C SER B 400 30.43 -6.38 23.12
C SER B 400 30.43 -6.39 23.14
N THR B 401 30.67 -5.35 23.93
CA THR B 401 31.81 -4.47 23.71
C THR B 401 33.11 -5.27 23.84
N PRO B 402 34.12 -5.02 22.99
CA PRO B 402 35.35 -5.85 23.08
C PRO B 402 36.02 -5.75 24.44
N GLU B 403 35.95 -4.58 25.07
CA GLU B 403 36.42 -4.42 26.44
C GLU B 403 35.75 -5.42 27.38
N HIS B 404 34.41 -5.51 27.33
CA HIS B 404 33.72 -6.43 28.21
C HIS B 404 33.99 -7.88 27.86
N LEU B 405 34.07 -8.19 26.56
CA LEU B 405 34.39 -9.57 26.18
C LEU B 405 35.75 -9.98 26.73
N HIS B 406 36.69 -9.04 26.73
CA HIS B 406 37.98 -9.28 27.35
C HIS B 406 37.83 -9.54 28.84
N LYS B 407 37.00 -8.73 29.53
CA LYS B 407 36.84 -8.92 30.97
C LYS B 407 36.29 -10.29 31.33
N ILE B 408 35.51 -10.93 30.44
CA ILE B 408 34.94 -12.25 30.75
C ILE B 408 35.66 -13.37 30.00
N GLY B 409 36.84 -13.11 29.47
CA GLY B 409 37.74 -14.15 28.99
C GLY B 409 37.54 -14.63 27.58
N LEU B 410 36.72 -13.93 26.78
CA LEU B 410 36.34 -14.40 25.45
C LEU B 410 37.14 -13.73 24.35
N LEU B 411 37.94 -12.71 24.68
CA LEU B 411 38.74 -11.99 23.70
C LEU B 411 40.10 -11.70 24.34
N ASP B 412 41.09 -12.49 23.93
CA ASP B 412 42.47 -12.39 24.42
C ASP B 412 43.31 -11.44 23.60
N ARG B 413 42.67 -10.54 22.86
CA ARG B 413 43.34 -9.44 22.18
C ARG B 413 42.56 -8.17 22.47
N VAL B 414 43.27 -7.05 22.56
CA VAL B 414 42.68 -5.77 22.92
C VAL B 414 43.30 -4.68 22.05
N THR B 415 42.48 -3.69 21.67
CA THR B 415 42.83 -2.75 20.61
C THR B 415 41.86 -1.56 20.59
N ASN B 416 42.31 -0.32 20.85
CA ASN B 416 41.40 0.83 20.80
C ASN B 416 41.87 1.83 19.76
N ASP B 417 42.03 1.34 18.55
CA ASP B 417 42.26 2.18 17.40
C ASP B 417 40.94 2.45 16.67
N THR B 418 41.04 3.17 15.55
CA THR B 418 39.85 3.46 14.75
C THR B 418 39.43 2.27 13.90
N GLU B 419 40.37 1.46 13.41
CA GLU B 419 40.01 0.33 12.56
C GLU B 419 39.35 -0.81 13.33
N SER B 420 39.74 -1.02 14.58
CA SER B 420 39.07 -2.03 15.38
C SER B 420 37.68 -1.56 15.78
N ASP B 421 37.53 -0.26 16.00
CA ASP B 421 36.22 0.30 16.29
C ASP B 421 35.28 0.13 15.10
N ILE B 422 35.80 0.35 13.88
CA ILE B 422 34.94 0.17 12.70
C ILE B 422 34.51 -1.28 12.57
N ASN B 423 35.42 -2.21 12.89
CA ASN B 423 35.09 -3.63 12.82
C ASN B 423 33.94 -3.97 13.76
N TYR B 424 33.99 -3.44 14.97
CA TYR B 424 32.99 -3.74 15.98
C TYR B 424 31.63 -3.16 15.61
N LEU B 425 31.59 -1.86 15.27
CA LEU B 425 30.33 -1.22 14.90
C LEU B 425 29.69 -1.88 13.68
N LEU B 426 30.52 -2.39 12.77
CA LEU B 426 29.98 -3.09 11.62
C LEU B 426 29.32 -4.40 12.03
N LYS B 427 30.03 -5.17 12.86
CA LYS B 427 29.46 -6.40 13.34
C LYS B 427 28.16 -6.13 14.10
N MET B 428 28.12 -5.03 14.88
CA MET B 428 26.87 -4.67 15.55
C MET B 428 25.79 -4.28 14.56
N ALA B 429 26.14 -3.53 13.50
CA ALA B 429 25.14 -3.15 12.51
C ALA B 429 24.52 -4.35 11.79
N LEU B 430 25.30 -5.42 11.56
CA LEU B 430 24.77 -6.61 10.91
C LEU B 430 23.62 -7.25 11.70
N ASP B 431 23.56 -7.03 13.01
CA ASP B 431 22.43 -7.48 13.82
C ASP B 431 21.40 -6.37 13.99
N LYS B 432 21.84 -5.17 14.35
CA LYS B 432 20.91 -4.14 14.77
C LYS B 432 20.36 -3.34 13.60
N ILE B 433 21.17 -3.05 12.59
CA ILE B 433 20.68 -2.26 11.47
C ILE B 433 19.96 -3.13 10.47
N ALA B 434 20.53 -4.32 10.19
CA ALA B 434 19.90 -5.22 9.23
C ALA B 434 18.49 -5.58 9.63
N PHE B 435 18.21 -5.65 10.94
CA PHE B 435 16.92 -6.08 11.43
C PHE B 435 15.84 -5.05 11.16
N LEU B 436 16.20 -3.77 11.11
CA LEU B 436 15.19 -2.72 11.16
C LEU B 436 14.10 -2.87 10.09
N PRO B 437 14.41 -3.05 8.81
CA PRO B 437 13.32 -3.24 7.83
C PRO B 437 12.43 -4.43 8.15
N PHE B 438 13.00 -5.54 8.63
CA PHE B 438 12.18 -6.72 8.94
C PHE B 438 11.28 -6.46 10.16
N GLY B 439 11.85 -5.88 11.23
CA GLY B 439 11.05 -5.55 12.40
C GLY B 439 9.91 -4.62 12.07
N TYR B 440 10.10 -3.75 11.08
CA TYR B 440 9.05 -2.82 10.65
C TYR B 440 8.00 -3.49 9.77
N LEU B 441 8.40 -4.37 8.85
CA LEU B 441 7.47 -4.81 7.79
C LEU B 441 6.50 -5.91 8.23
N VAL B 442 6.86 -6.72 9.23
CA VAL B 442 6.08 -7.92 9.49
C VAL B 442 4.65 -7.56 9.87
N ASP B 443 4.46 -6.62 10.79
CA ASP B 443 3.12 -6.22 11.16
C ASP B 443 2.51 -5.26 10.16
N GLN B 444 3.30 -4.65 9.25
CA GLN B 444 2.64 -4.00 8.12
C GLN B 444 1.90 -5.03 7.31
N TRP B 445 2.53 -6.20 7.08
CA TRP B 445 1.85 -7.26 6.37
C TRP B 445 0.61 -7.73 7.15
N ARG B 446 0.76 -7.98 8.45
CA ARG B 446 -0.38 -8.50 9.22
C ARG B 446 -1.51 -7.48 9.35
N TRP B 447 -1.18 -6.22 9.55
CA TRP B 447 -2.21 -5.19 9.62
C TRP B 447 -3.06 -5.19 8.35
N GLY B 448 -2.42 -5.30 7.18
CA GLY B 448 -3.19 -5.34 5.94
C GLY B 448 -3.99 -6.61 5.77
N VAL B 449 -3.50 -7.73 6.29
CA VAL B 449 -4.30 -8.96 6.29
C VAL B 449 -5.53 -8.77 7.17
N PHE B 450 -5.34 -8.22 8.38
CA PHE B 450 -6.44 -8.07 9.33
C PHE B 450 -7.47 -7.04 8.84
N SER B 451 -7.00 -5.98 8.17
CA SER B 451 -7.89 -4.93 7.70
C SER B 451 -8.67 -5.32 6.45
N GLY B 452 -8.28 -6.41 5.78
CA GLY B 452 -8.89 -6.81 4.53
C GLY B 452 -8.18 -6.33 3.28
N ARG B 453 -7.25 -5.37 3.43
N ARG B 453 -7.24 -5.39 3.41
CA ARG B 453 -6.45 -4.89 2.30
CA ARG B 453 -6.53 -4.92 2.22
C ARG B 453 -5.76 -6.06 1.59
C ARG B 453 -5.69 -6.02 1.60
N THR B 454 -5.30 -7.04 2.37
CA THR B 454 -4.60 -8.22 1.85
C THR B 454 -5.45 -9.47 2.08
N PRO B 455 -6.20 -9.89 1.08
CA PRO B 455 -6.97 -11.14 1.20
C PRO B 455 -6.09 -12.33 0.92
N PRO B 456 -6.56 -13.55 1.20
CA PRO B 456 -5.73 -14.74 0.91
C PRO B 456 -5.15 -14.77 -0.48
N SER B 457 -5.87 -14.23 -1.47
CA SER B 457 -5.42 -14.23 -2.86
C SER B 457 -4.18 -13.37 -3.07
N ARG B 458 -3.81 -12.54 -2.07
CA ARG B 458 -2.59 -11.76 -2.15
C ARG B 458 -1.67 -11.92 -0.93
N TYR B 459 -1.78 -13.02 -0.15
CA TYR B 459 -0.89 -13.19 1.00
C TYR B 459 0.59 -13.13 0.61
N ASN B 460 0.98 -13.87 -0.44
CA ASN B 460 2.42 -13.92 -0.77
C ASN B 460 2.84 -12.74 -1.61
N PHE B 461 2.01 -12.33 -2.58
CA PHE B 461 2.22 -11.11 -3.33
C PHE B 461 2.56 -9.93 -2.42
N ASP B 462 1.75 -9.69 -1.40
CA ASP B 462 1.97 -8.55 -0.52
C ASP B 462 3.14 -8.77 0.43
N TRP B 463 3.38 -10.02 0.84
CA TRP B 463 4.56 -10.31 1.66
C TRP B 463 5.84 -9.94 0.91
N TRP B 464 5.97 -10.43 -0.32
CA TRP B 464 7.21 -10.18 -1.06
C TRP B 464 7.28 -8.74 -1.54
N TYR B 465 6.14 -8.08 -1.77
CA TYR B 465 6.17 -6.65 -2.01
C TYR B 465 6.91 -5.97 -0.86
N LEU B 466 6.53 -6.29 0.39
CA LEU B 466 7.11 -5.61 1.55
C LEU B 466 8.54 -6.06 1.79
N ARG B 467 8.81 -7.36 1.62
CA ARG B 467 10.17 -7.85 1.78
C ARG B 467 11.15 -7.15 0.84
N THR B 468 10.75 -7.00 -0.43
CA THR B 468 11.59 -6.28 -1.37
C THR B 468 11.64 -4.78 -1.06
N LYS B 469 10.47 -4.16 -0.86
CA LYS B 469 10.43 -2.72 -0.60
C LYS B 469 11.35 -2.30 0.54
N TYR B 470 11.33 -3.06 1.65
CA TYR B 470 12.04 -2.71 2.87
C TYR B 470 13.41 -3.37 2.99
N GLN B 471 13.47 -4.69 2.84
CA GLN B 471 14.76 -5.37 2.99
C GLN B 471 15.58 -5.43 1.71
N GLY B 472 14.98 -5.24 0.55
CA GLY B 472 15.75 -5.34 -0.67
C GLY B 472 16.29 -6.74 -0.90
N ILE B 473 15.43 -7.73 -0.71
CA ILE B 473 15.74 -9.12 -0.96
C ILE B 473 14.69 -9.68 -1.90
N CYS B 474 15.00 -10.84 -2.46
CA CYS B 474 14.06 -11.51 -3.34
C CYS B 474 14.12 -13.00 -3.07
N PRO B 475 13.03 -13.72 -3.32
CA PRO B 475 13.05 -15.17 -3.13
C PRO B 475 13.94 -15.80 -4.18
N PRO B 476 14.79 -16.77 -3.82
CA PRO B 476 15.76 -17.30 -4.79
C PRO B 476 15.18 -18.36 -5.70
N VAL B 477 13.95 -18.79 -5.45
CA VAL B 477 13.14 -19.60 -6.35
C VAL B 477 11.81 -18.88 -6.54
N THR B 478 11.14 -19.16 -7.65
CA THR B 478 9.83 -18.58 -7.92
C THR B 478 8.82 -18.96 -6.85
N ARG B 479 7.96 -18.01 -6.50
CA ARG B 479 6.86 -18.26 -5.56
C ARG B 479 5.54 -17.83 -6.19
N ASN B 480 4.47 -18.42 -5.68
CA ASN B 480 3.11 -18.08 -6.10
C ASN B 480 2.21 -18.20 -4.88
N GLU B 481 0.91 -17.96 -5.07
CA GLU B 481 0.03 -17.88 -3.92
C GLU B 481 -0.28 -19.23 -3.28
N THR B 482 0.30 -20.31 -3.81
CA THR B 482 0.25 -21.58 -3.08
C THR B 482 1.21 -21.54 -1.89
N HIS B 483 2.28 -20.77 -2.04
CA HIS B 483 3.22 -20.54 -0.95
C HIS B 483 2.68 -19.48 0.01
N PHE B 484 3.09 -19.61 1.26
CA PHE B 484 2.64 -18.75 2.32
C PHE B 484 3.90 -18.50 3.16
N ASP B 485 4.78 -17.67 2.59
CA ASP B 485 6.11 -17.51 3.16
C ASP B 485 6.08 -16.72 4.46
N ALA B 486 5.06 -15.89 4.67
CA ALA B 486 4.89 -15.25 5.97
C ALA B 486 4.69 -16.30 7.07
N GLY B 487 4.03 -17.42 6.74
CA GLY B 487 3.78 -18.44 7.73
C GLY B 487 5.00 -19.23 8.16
N ALA B 488 6.09 -19.13 7.41
CA ALA B 488 7.32 -19.80 7.79
C ALA B 488 8.16 -18.95 8.75
N LYS B 489 7.59 -17.88 9.29
CA LYS B 489 8.20 -17.09 10.36
C LYS B 489 7.40 -17.31 11.63
N PHE B 490 8.07 -17.77 12.70
CA PHE B 490 7.41 -18.24 13.93
C PHE B 490 6.20 -17.42 14.38
N HIS B 491 6.35 -16.09 14.48
CA HIS B 491 5.33 -15.29 15.14
C HIS B 491 4.01 -15.26 14.38
N VAL B 492 4.00 -15.64 13.11
CA VAL B 492 2.79 -15.51 12.31
C VAL B 492 1.88 -16.65 12.75
N PRO B 493 2.25 -17.92 12.58
CA PRO B 493 1.35 -19.00 13.04
C PRO B 493 1.15 -19.01 14.53
N ASN B 494 2.08 -18.47 15.30
CA ASN B 494 1.94 -18.44 16.73
C ASN B 494 1.24 -17.18 17.19
N VAL B 495 0.68 -16.43 16.24
CA VAL B 495 -0.26 -15.36 16.48
C VAL B 495 0.21 -14.42 17.59
N THR B 496 1.44 -13.89 17.46
CA THR B 496 1.94 -12.96 18.45
C THR B 496 2.61 -11.80 17.71
N PRO B 497 2.46 -10.57 18.19
CA PRO B 497 2.79 -9.42 17.36
C PRO B 497 4.29 -9.19 17.22
N TYR B 498 4.63 -8.37 16.23
CA TYR B 498 6.03 -8.13 15.88
C TYR B 498 6.50 -6.68 16.00
N ILE B 499 5.61 -5.69 15.97
CA ILE B 499 6.10 -4.31 15.91
C ILE B 499 6.89 -3.94 17.15
N ARG B 500 6.67 -4.67 18.26
CA ARG B 500 7.43 -4.48 19.49
C ARG B 500 8.93 -4.61 19.26
N TYR B 501 9.35 -5.46 18.33
CA TYR B 501 10.79 -5.63 18.11
C TYR B 501 11.39 -4.41 17.41
N PHE B 502 10.65 -3.81 16.47
CA PHE B 502 11.13 -2.56 15.89
C PHE B 502 11.25 -1.46 16.94
N VAL B 503 10.20 -1.30 17.76
CA VAL B 503 10.22 -0.30 18.82
C VAL B 503 11.37 -0.56 19.79
N SER B 504 11.59 -1.84 20.15
N SER B 504 11.60 -1.83 20.13
CA SER B 504 12.67 -2.16 21.07
CA SER B 504 12.67 -2.17 21.08
C SER B 504 14.03 -1.78 20.49
C SER B 504 14.05 -1.87 20.51
N PHE B 505 14.20 -1.97 19.18
CA PHE B 505 15.49 -1.71 18.57
C PHE B 505 15.82 -0.22 18.57
N VAL B 506 14.78 0.63 18.59
CA VAL B 506 14.99 2.05 18.81
C VAL B 506 15.18 2.35 20.29
N LEU B 507 14.24 1.88 21.10
CA LEU B 507 14.25 2.12 22.54
C LEU B 507 15.57 1.71 23.18
N GLN B 508 16.12 0.57 22.79
CA GLN B 508 17.26 0.06 23.55
C GLN B 508 18.46 1.00 23.47
N PHE B 509 18.63 1.72 22.36
CA PHE B 509 19.68 2.72 22.30
C PHE B 509 19.33 3.96 23.14
N GLN B 510 18.05 4.30 23.24
CA GLN B 510 17.66 5.34 24.19
C GLN B 510 18.00 4.90 25.61
N PHE B 511 17.54 3.70 25.99
CA PHE B 511 17.87 3.15 27.30
C PHE B 511 19.37 3.15 27.53
N HIS B 512 20.13 2.71 26.53
CA HIS B 512 21.59 2.62 26.66
C HIS B 512 22.20 3.96 27.03
N GLU B 513 21.91 4.99 26.25
CA GLU B 513 22.45 6.32 26.54
C GLU B 513 22.06 6.74 27.95
N ALA B 514 20.78 6.63 28.30
CA ALA B 514 20.34 7.03 29.63
C ALA B 514 21.11 6.31 30.72
N LEU B 515 21.21 4.98 30.63
CA LEU B 515 21.90 4.24 31.68
C LEU B 515 23.39 4.53 31.70
N CYS B 516 23.99 4.75 30.54
CA CYS B 516 25.41 5.04 30.48
C CYS B 516 25.72 6.40 31.09
N LYS B 517 24.77 7.33 31.04
CA LYS B 517 24.93 8.62 31.73
C LYS B 517 24.72 8.43 33.22
N GLU B 518 23.62 7.80 33.60
CA GLU B 518 23.40 7.52 35.01
C GLU B 518 24.60 6.83 35.63
N ALA B 519 25.43 6.17 34.83
CA ALA B 519 26.60 5.46 35.34
C ALA B 519 27.86 6.30 35.34
N GLY B 520 27.84 7.49 34.75
CA GLY B 520 29.02 8.32 34.76
C GLY B 520 30.01 8.00 33.68
N TYR B 521 29.64 7.16 32.71
CA TYR B 521 30.50 6.92 31.56
C TYR B 521 30.61 8.18 30.72
N GLU B 522 31.76 8.36 30.07
CA GLU B 522 32.07 9.60 29.36
C GLU B 522 32.58 9.40 27.95
N GLY B 523 33.10 8.24 27.60
CA GLY B 523 33.61 8.02 26.27
C GLY B 523 32.50 7.81 25.25
N PRO B 524 32.87 7.26 24.09
CA PRO B 524 31.89 7.07 23.02
C PRO B 524 30.75 6.15 23.47
N LEU B 525 29.54 6.42 22.97
CA LEU B 525 28.38 5.65 23.42
C LEU B 525 28.53 4.17 23.13
N HIS B 526 29.16 3.81 22.01
CA HIS B 526 29.29 2.41 21.63
C HIS B 526 30.42 1.67 22.34
N GLN B 527 31.10 2.32 23.28
CA GLN B 527 32.08 1.64 24.10
C GLN B 527 31.64 1.61 25.56
N CYS B 528 30.47 2.16 25.88
CA CYS B 528 29.93 2.11 27.22
C CYS B 528 29.72 0.67 27.66
N ASP B 529 30.03 0.40 28.93
CA ASP B 529 29.76 -0.89 29.56
C ASP B 529 29.22 -0.57 30.93
N ILE B 530 27.92 -0.79 31.17
CA ILE B 530 27.34 -0.44 32.46
C ILE B 530 27.58 -1.53 33.52
N TYR B 531 28.39 -2.53 33.19
CA TYR B 531 28.70 -3.59 34.13
C TYR B 531 29.04 -2.99 35.50
N ARG B 532 28.45 -3.56 36.55
CA ARG B 532 28.68 -3.19 37.95
C ARG B 532 28.21 -1.78 38.34
N SER B 533 27.59 -1.01 37.44
CA SER B 533 27.06 0.29 37.83
C SER B 533 25.76 0.09 38.59
N THR B 534 25.82 0.33 39.90
CA THR B 534 24.63 0.23 40.74
C THR B 534 23.68 1.41 40.51
N LYS B 535 24.21 2.58 40.13
CA LYS B 535 23.37 3.71 39.73
C LYS B 535 22.48 3.34 38.55
N ALA B 536 23.10 2.86 37.46
CA ALA B 536 22.33 2.37 36.31
C ALA B 536 21.31 1.30 36.70
N GLY B 537 21.73 0.35 37.54
CA GLY B 537 20.80 -0.69 37.97
C GLY B 537 19.55 -0.12 38.61
N ALA B 538 19.72 0.86 39.49
CA ALA B 538 18.57 1.46 40.16
C ALA B 538 17.67 2.22 39.19
N LYS B 539 18.27 2.93 38.23
CA LYS B 539 17.49 3.63 37.22
C LYS B 539 16.67 2.66 36.38
N LEU B 540 17.27 1.54 35.97
CA LEU B 540 16.51 0.52 35.26
C LEU B 540 15.50 -0.17 36.17
N ARG B 541 15.84 -0.36 37.47
CA ARG B 541 14.92 -1.07 38.35
C ARG B 541 13.59 -0.32 38.48
N LYS B 542 13.64 1.01 38.48
CA LYS B 542 12.42 1.82 38.52
C LYS B 542 11.45 1.38 37.43
N VAL B 543 11.92 1.44 36.17
CA VAL B 543 11.10 1.05 35.03
C VAL B 543 10.49 -0.32 35.27
N LEU B 544 11.35 -1.31 35.50
CA LEU B 544 10.87 -2.69 35.62
C LEU B 544 9.75 -2.81 36.65
N ARG B 545 9.92 -2.13 37.79
CA ARG B 545 8.95 -2.29 38.88
C ARG B 545 7.59 -1.68 38.54
N ALA B 546 7.58 -0.64 37.70
CA ALA B 546 6.32 0.01 37.32
C ALA B 546 5.34 -0.94 36.62
N GLY B 547 5.82 -1.93 35.86
CA GLY B 547 4.89 -2.68 35.04
C GLY B 547 4.16 -1.73 34.11
N SER B 548 2.86 -1.98 33.92
CA SER B 548 2.00 -1.08 33.16
C SER B 548 1.13 -0.23 34.08
N SER B 549 1.60 0.03 35.30
CA SER B 549 0.89 0.94 36.19
C SER B 549 0.73 2.30 35.56
N ARG B 550 1.71 2.72 34.78
CA ARG B 550 1.72 4.04 34.19
C ARG B 550 1.79 3.96 32.67
N PRO B 551 1.28 4.98 31.99
CA PRO B 551 1.46 5.04 30.53
C PRO B 551 2.93 5.11 30.16
N TRP B 552 3.31 4.31 29.17
CA TRP B 552 4.72 4.15 28.83
C TRP B 552 5.40 5.47 28.55
N GLN B 553 4.65 6.51 28.16
CA GLN B 553 5.29 7.78 27.84
C GLN B 553 5.85 8.48 29.08
N GLU B 554 5.22 8.31 30.24
CA GLU B 554 5.77 8.88 31.47
C GLU B 554 7.01 8.14 31.90
N VAL B 555 6.87 6.81 32.04
CA VAL B 555 7.94 5.91 32.45
C VAL B 555 9.18 6.26 31.65
N LEU B 556 9.01 6.47 30.35
CA LEU B 556 10.14 6.73 29.46
C LEU B 556 10.77 8.08 29.76
N LYS B 557 9.96 9.08 30.11
CA LYS B 557 10.53 10.41 30.37
C LYS B 557 11.26 10.44 31.71
N ASP B 558 10.71 9.78 32.72
CA ASP B 558 11.45 9.58 33.96
C ASP B 558 12.83 9.01 33.67
N MET B 559 12.90 8.01 32.79
CA MET B 559 14.14 7.24 32.61
C MET B 559 15.15 7.98 31.74
N VAL B 560 14.71 8.50 30.59
CA VAL B 560 15.65 9.09 29.63
C VAL B 560 15.41 10.57 29.39
N GLY B 561 14.35 11.16 29.92
CA GLY B 561 14.13 12.59 29.80
C GLY B 561 13.47 13.00 28.50
N LEU B 562 12.54 12.20 28.00
CA LEU B 562 11.92 12.35 26.70
C LEU B 562 10.72 11.43 26.68
N ASP B 563 9.62 11.89 26.09
CA ASP B 563 8.37 11.16 26.21
C ASP B 563 7.96 10.48 24.91
N ALA B 564 8.88 10.38 23.94
CA ALA B 564 8.60 9.69 22.69
C ALA B 564 9.80 8.86 22.26
N LEU B 565 9.53 7.87 21.40
CA LEU B 565 10.58 7.19 20.66
C LEU B 565 11.40 8.17 19.84
N ASP B 566 12.70 7.89 19.74
CA ASP B 566 13.67 8.81 19.18
C ASP B 566 14.84 8.01 18.63
N ALA B 567 15.17 8.23 17.35
CA ALA B 567 16.24 7.49 16.68
C ALA B 567 17.62 8.04 16.96
N GLN B 568 17.73 9.20 17.60
CA GLN B 568 19.03 9.85 17.70
C GLN B 568 20.03 9.02 18.50
N PRO B 569 19.70 8.48 19.67
CA PRO B 569 20.68 7.63 20.36
C PRO B 569 21.23 6.53 19.48
N LEU B 570 20.37 5.84 18.72
CA LEU B 570 20.88 4.82 17.80
C LEU B 570 21.79 5.43 16.76
N LEU B 571 21.36 6.55 16.18
CA LEU B 571 22.20 7.18 15.16
C LEU B 571 23.53 7.59 15.76
N LYS B 572 23.50 8.10 16.98
CA LYS B 572 24.73 8.49 17.67
C LYS B 572 25.63 7.28 17.88
N TYR B 573 25.05 6.14 18.28
CA TYR B 573 25.86 4.96 18.54
C TYR B 573 26.64 4.52 17.29
N PHE B 574 25.99 4.54 16.13
CA PHE B 574 26.57 3.97 14.91
C PHE B 574 27.28 5.03 14.05
N GLN B 575 27.17 6.30 14.42
CA GLN B 575 27.70 7.42 13.64
C GLN B 575 28.98 7.12 12.86
N LEU B 576 29.96 6.48 13.49
CA LEU B 576 31.27 6.31 12.87
C LEU B 576 31.27 5.29 11.73
N VAL B 577 30.50 4.20 11.87
CA VAL B 577 30.44 3.23 10.79
C VAL B 577 29.43 3.67 9.73
N THR B 578 28.48 4.53 10.10
CA THR B 578 27.60 5.12 9.10
C THR B 578 28.43 5.89 8.07
N GLN B 579 29.25 6.85 8.54
CA GLN B 579 30.13 7.60 7.64
C GLN B 579 31.05 6.66 6.87
N TRP B 580 31.67 5.71 7.55
CA TRP B 580 32.58 4.80 6.86
C TRP B 580 31.89 4.07 5.72
N LEU B 581 30.64 3.63 5.92
CA LEU B 581 29.99 2.77 4.92
C LEU B 581 29.69 3.54 3.64
N GLN B 582 29.24 4.79 3.75
CA GLN B 582 29.05 5.60 2.56
C GLN B 582 30.30 5.59 1.68
N GLU B 583 31.44 5.98 2.28
CA GLU B 583 32.71 6.05 1.58
C GLU B 583 33.01 4.77 0.80
N GLN B 584 33.05 3.62 1.47
CA GLN B 584 33.27 2.36 0.77
C GLN B 584 32.37 2.24 -0.45
N ASN B 585 31.10 2.63 -0.29
CA ASN B 585 30.11 2.45 -1.35
C ASN B 585 30.37 3.39 -2.51
N GLN B 586 30.54 4.68 -2.21
CA GLN B 586 30.91 5.64 -3.24
C GLN B 586 32.17 5.20 -3.97
N GLN B 587 33.24 4.96 -3.22
CA GLN B 587 34.50 4.56 -3.83
C GLN B 587 34.37 3.25 -4.58
N ASN B 588 33.43 2.40 -4.23
CA ASN B 588 33.14 1.25 -5.07
C ASN B 588 32.11 1.59 -6.15
N GLY B 589 31.64 2.83 -6.20
CA GLY B 589 30.62 3.25 -7.13
C GLY B 589 29.37 2.40 -7.03
N GLU B 590 28.86 2.25 -5.82
CA GLU B 590 27.68 1.40 -5.60
C GLU B 590 26.41 2.17 -5.93
N VAL B 591 25.41 1.43 -6.42
CA VAL B 591 24.04 1.92 -6.47
C VAL B 591 23.39 1.63 -5.12
N LEU B 592 22.90 2.66 -4.44
CA LEU B 592 22.14 2.44 -3.22
C LEU B 592 20.69 2.09 -3.56
N GLY B 593 20.21 1.00 -3.00
CA GLY B 593 18.90 0.49 -3.36
C GLY B 593 19.02 -0.62 -4.39
N TRP B 594 17.86 -0.95 -4.96
CA TRP B 594 17.73 -2.12 -5.86
C TRP B 594 16.78 -1.76 -7.00
N PRO B 595 17.23 -0.90 -7.91
CA PRO B 595 16.34 -0.41 -8.98
C PRO B 595 15.87 -1.47 -9.95
N GLU B 596 16.62 -2.56 -10.11
CA GLU B 596 16.16 -3.71 -10.88
C GLU B 596 15.30 -4.58 -9.95
N TYR B 597 14.12 -4.04 -9.64
CA TYR B 597 13.27 -4.60 -8.61
C TYR B 597 12.62 -5.91 -9.04
N GLN B 598 12.62 -6.21 -10.34
CA GLN B 598 12.08 -7.47 -10.86
C GLN B 598 13.07 -8.61 -10.79
N TRP B 599 14.34 -8.34 -10.56
CA TRP B 599 15.34 -9.38 -10.73
C TRP B 599 15.20 -10.48 -9.68
N HIS B 600 15.29 -11.71 -10.15
CA HIS B 600 15.52 -12.89 -9.34
C HIS B 600 16.74 -13.65 -9.87
N PRO B 601 17.46 -14.35 -8.99
CA PRO B 601 18.59 -15.14 -9.45
C PRO B 601 18.17 -16.38 -10.19
N PRO B 602 19.01 -16.90 -11.08
CA PRO B 602 18.72 -18.18 -11.74
C PRO B 602 18.88 -19.35 -10.78
N LEU B 603 18.22 -20.45 -11.11
CA LEU B 603 18.45 -21.68 -10.38
C LEU B 603 19.84 -22.22 -10.66
N PRO B 604 20.49 -22.83 -9.67
CA PRO B 604 21.77 -23.48 -9.95
C PRO B 604 21.54 -24.67 -10.88
N ASP B 605 22.58 -25.00 -11.65
CA ASP B 605 22.41 -25.77 -12.87
C ASP B 605 21.85 -27.16 -12.59
N ASN B 606 22.41 -27.87 -11.61
CA ASN B 606 21.93 -29.20 -11.21
C ASN B 606 21.11 -29.01 -9.94
N TYR B 607 19.82 -28.70 -10.09
CA TYR B 607 18.99 -28.42 -8.90
C TYR B 607 17.62 -29.07 -9.04
N PRO B 608 17.19 -29.88 -8.07
CA PRO B 608 17.85 -30.27 -6.82
C PRO B 608 18.71 -31.54 -6.91
N GLU B 609 20.02 -31.46 -6.63
CA GLU B 609 20.92 -32.61 -6.75
C GLU B 609 22.25 -32.45 -6.02
N GLY B 610 22.22 -32.55 -4.69
CA GLY B 610 23.44 -32.50 -3.89
C GLY B 610 23.44 -33.51 -2.75
#